data_1C9I
#
_entry.id   1C9I
#
_cell.length_a   137.040
_cell.length_b   131.275
_cell.length_c   79.010
_cell.angle_alpha   90.00
_cell.angle_beta   116.31
_cell.angle_gamma   90.00
#
_symmetry.space_group_name_H-M   'C 1 2 1'
#
loop_
_entity.id
_entity.type
_entity.pdbx_description
1 polymer CLATHRIN
2 polymer 'B-ADAPTIN 3'
#
loop_
_entity_poly.entity_id
_entity_poly.type
_entity_poly.pdbx_seq_one_letter_code
_entity_poly.pdbx_strand_id
1 'polypeptide(L)'
;MAQILPIRFQEHLQLQNLGINPANIGFSTLTMESDKFICIREKVGEQAQVVIIDMNDPSNPIRRPISADSAIMNPASKVI
ALKAGKTLQIFNIEMKSKMKAHTMTDDVTFWKWISLNTVALVTDNAVYHWSMEGESQPVKMFDRHSSLAGCQIINYRTDA
KQKWLLLTGISAQQNRVVGAMQLYSVDRKVSQPIEGHAASFAQFKMEGNAEESTLFCFAVRGQAGGKLHIIEVGTPPTGN
QPFPKKAVDVFFPPEAQNDFPVAMQISEKHDVVFLITKYGYIHLYDLETGTCIYMNRISGETIFVTAPHEATAGIIGVNR
KGQVLSVCVEEENIIPYITNVLQNPDLALRMAVRNNLAG
;
A,B
2 'polypeptide(L)' AVSLLDLDA C,D
#
# COMPACT_ATOMS: atom_id res chain seq x y z
N GLN A 3 -21.86 1.51 -12.06
CA GLN A 3 -21.28 0.14 -12.07
C GLN A 3 -21.10 -0.30 -10.68
N ILE A 4 -20.01 -0.76 -10.31
CA ILE A 4 -20.25 -0.69 -8.95
C ILE A 4 -19.25 0.26 -8.34
N LEU A 5 -19.70 0.85 -7.27
CA LEU A 5 -18.78 1.76 -6.59
C LEU A 5 -18.05 1.09 -5.46
N PRO A 6 -16.81 1.58 -5.24
CA PRO A 6 -16.04 1.04 -4.12
C PRO A 6 -16.34 1.81 -2.84
N ILE A 7 -17.36 2.67 -2.89
CA ILE A 7 -17.76 3.47 -1.74
C ILE A 7 -19.25 3.73 -1.74
N ARG A 8 -19.89 3.59 -0.57
CA ARG A 8 -21.33 3.85 -0.43
C ARG A 8 -21.58 5.22 0.15
N PHE A 9 -22.49 5.94 -0.48
CA PHE A 9 -22.85 7.31 -0.09
C PHE A 9 -24.25 7.38 0.53
N GLN A 10 -24.44 8.20 1.53
CA GLN A 10 -25.77 8.27 2.12
C GLN A 10 -26.13 9.61 2.78
N GLU A 11 -27.37 10.05 2.58
CA GLU A 11 -27.86 11.29 3.18
C GLU A 11 -28.64 10.95 4.43
N HIS A 12 -28.15 11.40 5.58
CA HIS A 12 -28.78 11.16 6.87
C HIS A 12 -29.71 12.24 7.35
N LEU A 13 -29.56 13.45 6.81
CA LEU A 13 -30.38 14.57 7.27
C LEU A 13 -30.36 15.81 6.39
N GLN A 14 -31.37 16.64 6.62
CA GLN A 14 -31.56 17.92 5.97
C GLN A 14 -31.94 18.87 7.12
N LEU A 15 -30.93 19.45 7.78
CA LEU A 15 -31.12 20.36 8.93
C LEU A 15 -32.19 21.37 8.64
N GLN A 16 -32.36 21.72 7.37
CA GLN A 16 -33.38 22.69 7.07
C GLN A 16 -34.79 22.13 7.26
N ASN A 17 -34.93 20.81 7.25
CA ASN A 17 -36.26 20.24 7.46
C ASN A 17 -36.53 20.23 8.94
N LEU A 18 -35.47 20.44 9.74
CA LEU A 18 -35.59 20.50 11.20
C LEU A 18 -35.92 21.90 11.65
N GLY A 19 -35.90 22.85 10.74
CA GLY A 19 -36.21 24.21 11.14
C GLY A 19 -35.00 25.12 11.23
N ILE A 20 -33.79 24.56 11.24
CA ILE A 20 -32.61 25.39 11.32
C ILE A 20 -32.61 26.41 10.17
N ASN A 21 -32.08 27.58 10.48
CA ASN A 21 -31.99 28.64 9.49
C ASN A 21 -30.72 28.35 8.68
N PRO A 22 -30.79 28.49 7.35
CA PRO A 22 -29.59 28.22 6.55
C PRO A 22 -28.41 29.03 7.05
N ALA A 23 -28.71 30.27 7.44
CA ALA A 23 -27.72 31.21 7.96
C ALA A 23 -26.86 30.65 9.10
N ASN A 24 -27.38 29.70 9.86
CA ASN A 24 -26.60 29.15 10.94
C ASN A 24 -25.91 27.87 10.55
N ILE A 25 -26.14 27.42 9.32
CA ILE A 25 -25.47 26.20 8.84
C ILE A 25 -24.13 26.70 8.29
N GLY A 26 -23.07 26.57 9.08
CA GLY A 26 -21.76 27.04 8.66
C GLY A 26 -20.71 26.68 9.69
N PHE A 27 -19.45 26.95 9.37
CA PHE A 27 -18.31 26.65 10.25
C PHE A 27 -18.35 27.19 11.69
N SER A 28 -18.75 28.44 11.84
CA SER A 28 -18.75 29.05 13.16
C SER A 28 -20.05 28.97 13.97
N THR A 29 -21.03 28.23 13.51
CA THR A 29 -22.26 28.17 14.27
C THR A 29 -22.84 26.77 14.39
N LEU A 30 -22.34 25.86 13.56
CA LEU A 30 -22.78 24.47 13.56
C LEU A 30 -21.59 23.57 13.80
N THR A 31 -21.59 22.82 14.90
CA THR A 31 -20.48 21.93 15.10
C THR A 31 -20.93 20.46 15.04
N MET A 32 -19.96 19.56 14.79
CA MET A 32 -20.23 18.13 14.71
C MET A 32 -18.99 17.41 15.17
N GLU A 33 -18.76 17.43 16.47
CA GLU A 33 -17.59 16.84 17.08
C GLU A 33 -17.50 15.34 16.90
N SER A 34 -18.62 14.71 16.58
CA SER A 34 -18.64 13.27 16.37
C SER A 34 -19.94 12.99 15.63
N ASP A 35 -20.20 11.74 15.24
CA ASP A 35 -21.44 11.50 14.49
C ASP A 35 -22.65 11.40 15.40
N LYS A 36 -22.45 11.53 16.70
CA LYS A 36 -23.56 11.43 17.64
C LYS A 36 -24.44 12.68 17.81
N PHE A 37 -23.88 13.87 17.58
CA PHE A 37 -24.65 15.10 17.76
C PHE A 37 -24.27 16.18 16.77
N ILE A 38 -25.09 17.22 16.72
CA ILE A 38 -24.78 18.37 15.89
C ILE A 38 -25.36 19.53 16.69
N CYS A 39 -24.54 20.55 16.98
CA CYS A 39 -24.99 21.72 17.72
C CYS A 39 -25.04 22.86 16.77
N ILE A 40 -26.11 23.63 16.85
CA ILE A 40 -26.25 24.77 16.00
C ILE A 40 -26.65 25.93 16.89
N ARG A 41 -25.96 27.06 16.74
CA ARG A 41 -26.27 28.23 17.53
C ARG A 41 -27.14 29.14 16.69
N GLU A 42 -28.34 29.42 17.15
CA GLU A 42 -29.22 30.32 16.42
C GLU A 42 -29.58 31.47 17.35
N LYS A 43 -30.21 32.50 16.81
CA LYS A 43 -30.59 33.65 17.61
C LYS A 43 -31.97 34.11 17.24
N VAL A 44 -32.97 33.73 18.04
CA VAL A 44 -34.36 34.13 17.78
C VAL A 44 -34.65 35.28 18.74
N GLY A 45 -34.69 36.50 18.21
CA GLY A 45 -34.88 37.67 19.03
C GLY A 45 -33.47 37.80 19.57
N GLU A 46 -33.24 38.50 20.68
CA GLU A 46 -31.87 38.58 21.18
C GLU A 46 -31.60 37.48 22.20
N GLN A 47 -32.29 36.36 21.97
CA GLN A 47 -32.13 35.18 22.80
C GLN A 47 -31.33 34.15 21.98
N ALA A 48 -30.01 34.21 22.10
CA ALA A 48 -29.18 33.24 21.41
C ALA A 48 -29.53 31.91 22.07
N GLN A 49 -29.36 30.81 21.37
CA GLN A 49 -29.67 29.54 21.99
C GLN A 49 -29.02 28.43 21.20
N VAL A 50 -28.75 27.29 21.83
CA VAL A 50 -28.21 26.17 21.07
C VAL A 50 -29.31 25.19 20.74
N VAL A 51 -29.14 24.57 19.58
CA VAL A 51 -30.05 23.55 19.14
C VAL A 51 -29.18 22.32 19.02
N ILE A 52 -29.45 21.36 19.89
CA ILE A 52 -28.73 20.11 19.89
C ILE A 52 -29.56 19.13 19.06
N ILE A 53 -28.88 18.33 18.25
CA ILE A 53 -29.57 17.35 17.44
C ILE A 53 -28.94 16.01 17.75
N ASP A 54 -29.72 15.13 18.40
CA ASP A 54 -29.22 13.78 18.71
C ASP A 54 -29.31 13.05 17.39
N MET A 55 -28.20 12.47 16.91
CA MET A 55 -28.27 11.81 15.62
C MET A 55 -29.17 10.61 15.66
N ASN A 56 -29.51 10.15 16.86
CA ASN A 56 -30.43 9.06 16.97
C ASN A 56 -31.90 9.56 17.00
N ASP A 57 -32.20 10.84 17.03
CA ASP A 57 -33.58 11.36 17.21
C ASP A 57 -33.62 12.69 16.45
N PRO A 58 -33.37 12.60 15.12
CA PRO A 58 -33.20 13.84 14.36
C PRO A 58 -34.39 14.73 14.48
N SER A 59 -35.51 14.09 14.64
CA SER A 59 -36.77 14.83 14.64
C SER A 59 -37.14 15.50 15.97
N ASN A 60 -36.28 15.36 16.98
CA ASN A 60 -36.53 15.97 18.29
C ASN A 60 -35.34 16.81 18.76
N PRO A 61 -35.06 17.94 18.09
CA PRO A 61 -33.92 18.77 18.50
C PRO A 61 -34.28 19.57 19.75
N ILE A 62 -33.46 19.48 20.79
CA ILE A 62 -33.73 20.26 21.98
C ILE A 62 -33.11 21.65 21.90
N ARG A 63 -33.91 22.65 22.24
CA ARG A 63 -33.44 24.01 22.21
C ARG A 63 -33.25 24.56 23.64
N ARG A 64 -32.15 25.26 23.87
CA ARG A 64 -31.86 25.83 25.19
C ARG A 64 -31.22 27.19 25.03
N PRO A 65 -31.60 28.14 25.89
CA PRO A 65 -31.03 29.49 25.82
C PRO A 65 -29.56 29.43 26.21
N ILE A 66 -28.72 30.08 25.40
CA ILE A 66 -27.29 30.12 25.71
C ILE A 66 -26.84 31.53 25.42
N SER A 67 -25.64 31.85 25.89
CA SER A 67 -25.06 33.15 25.63
C SER A 67 -23.60 32.83 25.44
N ALA A 68 -23.34 31.79 24.67
CA ALA A 68 -21.97 31.40 24.38
C ALA A 68 -21.68 31.82 22.94
N ASP A 69 -20.42 32.11 22.65
CA ASP A 69 -20.06 32.46 21.28
C ASP A 69 -19.65 31.14 20.56
N SER A 70 -19.74 30.03 21.27
CA SER A 70 -19.36 28.74 20.71
C SER A 70 -19.75 27.60 21.63
N ALA A 71 -20.29 26.54 21.03
CA ALA A 71 -20.75 25.34 21.74
C ALA A 71 -20.20 24.10 21.07
N ILE A 72 -19.72 23.14 21.86
CA ILE A 72 -19.23 21.89 21.23
C ILE A 72 -19.52 20.64 22.07
N MET A 73 -20.62 19.99 21.70
CA MET A 73 -21.05 18.77 22.35
C MET A 73 -19.89 17.69 22.39
N ASN A 74 -19.71 16.91 23.51
CA ASN A 74 -18.66 15.82 23.66
C ASN A 74 -18.89 14.69 22.61
N PRO A 75 -17.84 14.02 22.17
CA PRO A 75 -18.08 12.95 21.18
C PRO A 75 -19.01 11.85 21.64
N ALA A 76 -19.08 11.60 22.93
CA ALA A 76 -19.90 10.46 23.36
C ALA A 76 -21.06 10.72 24.30
N SER A 77 -21.23 11.91 24.86
CA SER A 77 -22.36 12.15 25.76
C SER A 77 -22.84 13.56 25.80
N LYS A 78 -24.06 13.75 26.29
CA LYS A 78 -24.66 15.07 26.41
C LYS A 78 -23.99 15.96 27.47
N VAL A 79 -22.66 16.09 27.30
CA VAL A 79 -21.76 16.93 28.09
C VAL A 79 -21.37 18.00 27.09
N ILE A 80 -21.64 19.27 27.38
CA ILE A 80 -21.29 20.30 26.40
C ILE A 80 -20.35 21.42 26.87
N ALA A 81 -19.41 21.77 26.01
CA ALA A 81 -18.44 22.83 26.29
C ALA A 81 -18.98 24.13 25.71
N LEU A 82 -19.08 25.16 26.55
CA LEU A 82 -19.55 26.44 26.07
C LEU A 82 -18.51 27.49 26.41
N LYS A 83 -18.39 28.49 25.55
CA LYS A 83 -17.43 29.54 25.84
C LYS A 83 -17.95 30.89 25.48
N ALA A 84 -17.45 31.87 26.23
CA ALA A 84 -17.77 33.28 26.07
C ALA A 84 -16.45 34.00 26.41
N GLY A 85 -15.79 34.48 25.37
CA GLY A 85 -14.53 35.13 25.59
C GLY A 85 -13.57 34.19 26.25
N LYS A 86 -13.03 34.59 27.39
CA LYS A 86 -12.04 33.78 28.11
C LYS A 86 -12.73 32.84 29.07
N THR A 87 -14.05 32.95 29.10
CA THR A 87 -14.86 32.13 29.97
C THR A 87 -15.27 30.78 29.36
N LEU A 88 -14.87 29.70 30.03
CA LEU A 88 -15.19 28.35 29.59
C LEU A 88 -15.94 27.52 30.64
N GLN A 89 -17.10 27.00 30.25
CA GLN A 89 -17.88 26.13 31.14
C GLN A 89 -18.25 24.83 30.42
N ILE A 90 -18.23 23.75 31.17
CA ILE A 90 -18.64 22.46 30.63
C ILE A 90 -19.84 21.99 31.46
N PHE A 91 -20.98 21.79 30.80
CA PHE A 91 -22.20 21.31 31.47
C PHE A 91 -22.55 19.87 31.11
N ASN A 92 -23.16 19.17 32.06
CA ASN A 92 -23.66 17.82 31.81
C ASN A 92 -25.16 18.04 31.59
N ILE A 93 -25.54 18.32 30.36
CA ILE A 93 -26.93 18.61 30.03
C ILE A 93 -27.97 17.78 30.78
N GLU A 94 -27.77 16.48 30.77
CA GLU A 94 -28.73 15.58 31.40
C GLU A 94 -28.85 15.80 32.88
N MET A 95 -27.73 15.87 33.58
CA MET A 95 -27.84 16.12 34.99
C MET A 95 -27.85 17.60 35.35
N LYS A 96 -28.17 18.44 34.36
CA LYS A 96 -28.27 19.90 34.53
C LYS A 96 -27.22 20.57 35.45
N SER A 97 -25.94 20.26 35.28
CA SER A 97 -24.91 20.84 36.12
C SER A 97 -23.64 21.29 35.37
N LYS A 98 -22.86 22.14 36.03
CA LYS A 98 -21.59 22.60 35.51
C LYS A 98 -20.50 21.73 36.11
N MET A 99 -19.94 20.86 35.28
CA MET A 99 -18.89 19.98 35.75
C MET A 99 -17.66 20.80 36.12
N LYS A 100 -17.09 21.48 35.13
CA LYS A 100 -15.88 22.26 35.26
C LYS A 100 -16.10 23.68 34.74
N ALA A 101 -15.20 24.59 35.10
CA ALA A 101 -15.26 25.99 34.66
C ALA A 101 -13.84 26.50 34.71
N HIS A 102 -13.51 27.37 33.78
CA HIS A 102 -12.17 27.91 33.72
C HIS A 102 -12.22 29.21 32.99
N THR A 103 -11.32 30.11 33.39
CA THR A 103 -11.21 31.40 32.75
C THR A 103 -9.78 31.52 32.18
N MET A 104 -9.70 31.58 30.85
CA MET A 104 -8.42 31.71 30.15
C MET A 104 -7.90 33.15 30.24
N THR A 105 -6.59 33.33 30.04
CA THR A 105 -5.97 34.67 30.06
C THR A 105 -5.72 35.10 28.63
N ASP A 106 -6.51 34.57 27.72
CA ASP A 106 -6.44 34.82 26.26
C ASP A 106 -7.74 34.27 25.66
N ASP A 107 -8.23 34.85 24.57
CA ASP A 107 -9.41 34.28 23.93
C ASP A 107 -9.08 32.99 23.21
N VAL A 108 -10.04 32.07 23.18
CA VAL A 108 -9.83 30.81 22.49
C VAL A 108 -10.38 30.96 21.07
N THR A 109 -9.48 30.86 20.12
CA THR A 109 -9.82 31.07 18.72
C THR A 109 -10.43 29.83 18.10
N PHE A 110 -10.12 28.68 18.67
CA PHE A 110 -10.65 27.46 18.13
C PHE A 110 -10.35 26.33 19.11
N TRP A 111 -11.36 25.52 19.38
CA TRP A 111 -11.18 24.41 20.30
C TRP A 111 -12.03 23.26 19.81
N LYS A 112 -11.69 22.05 20.22
CA LYS A 112 -12.45 20.89 19.82
C LYS A 112 -12.07 19.71 20.68
N TRP A 113 -12.99 18.77 20.79
CA TRP A 113 -12.67 17.58 21.57
C TRP A 113 -11.68 16.72 20.74
N ILE A 114 -10.72 16.13 21.42
CA ILE A 114 -9.74 15.34 20.71
C ILE A 114 -9.67 13.93 21.28
N SER A 115 -10.58 13.66 22.22
CA SER A 115 -10.68 12.38 22.90
C SER A 115 -12.05 12.37 23.57
N LEU A 116 -12.39 11.29 24.27
CA LEU A 116 -13.69 11.24 24.94
C LEU A 116 -13.66 12.19 26.11
N ASN A 117 -12.47 12.43 26.63
CA ASN A 117 -12.41 13.31 27.80
C ASN A 117 -11.43 14.52 27.70
N THR A 118 -11.03 14.93 26.51
CA THR A 118 -10.10 16.02 26.49
C THR A 118 -10.41 17.05 25.44
N VAL A 119 -10.42 18.31 25.87
CA VAL A 119 -10.72 19.41 24.98
C VAL A 119 -9.41 20.13 24.72
N ALA A 120 -9.21 20.48 23.45
CA ALA A 120 -8.02 21.19 23.02
C ALA A 120 -8.44 22.64 22.80
N LEU A 121 -7.61 23.54 23.33
CA LEU A 121 -7.90 24.96 23.21
C LEU A 121 -6.80 25.68 22.43
N VAL A 122 -7.22 26.44 21.44
CA VAL A 122 -6.28 27.18 20.62
C VAL A 122 -6.55 28.68 20.76
N THR A 123 -5.49 29.40 21.11
CA THR A 123 -5.50 30.85 21.25
C THR A 123 -4.49 31.36 20.23
N ASP A 124 -4.50 32.65 19.99
CA ASP A 124 -3.62 33.18 18.98
C ASP A 124 -2.17 32.83 19.09
N ASN A 125 -1.74 32.25 20.19
CA ASN A 125 -0.32 31.94 20.22
C ASN A 125 0.12 30.71 20.98
N ALA A 126 -0.83 29.95 21.48
CA ALA A 126 -0.46 28.72 22.18
C ALA A 126 -1.58 27.69 22.07
N VAL A 127 -1.23 26.42 22.29
CA VAL A 127 -2.20 25.34 22.25
C VAL A 127 -2.18 24.59 23.58
N TYR A 128 -3.38 24.48 24.17
CA TYR A 128 -3.58 23.75 25.44
C TYR A 128 -4.51 22.53 25.32
N HIS A 129 -4.30 21.61 26.24
CA HIS A 129 -5.08 20.40 26.32
C HIS A 129 -5.71 20.46 27.70
N TRP A 130 -7.01 20.20 27.76
CA TRP A 130 -7.72 20.24 29.02
C TRP A 130 -8.54 18.99 29.23
N SER A 131 -8.06 18.13 30.12
CA SER A 131 -8.72 16.88 30.49
C SER A 131 -9.91 17.14 31.42
N MET A 132 -10.98 16.35 31.29
CA MET A 132 -12.12 16.54 32.17
C MET A 132 -11.90 15.65 33.38
N GLU A 133 -10.90 14.81 33.28
CA GLU A 133 -10.56 13.83 34.32
C GLU A 133 -10.17 14.51 35.62
N GLY A 134 -11.05 14.45 36.61
CA GLY A 134 -10.72 15.04 37.89
C GLY A 134 -10.74 16.55 37.89
N GLU A 135 -9.91 17.11 38.75
CA GLU A 135 -9.78 18.56 38.89
C GLU A 135 -8.49 18.91 38.14
N SER A 136 -8.61 19.09 36.84
CA SER A 136 -7.47 19.39 36.00
C SER A 136 -7.76 20.69 35.36
N GLN A 137 -6.71 21.43 35.02
CA GLN A 137 -6.89 22.71 34.36
C GLN A 137 -6.02 22.69 33.10
N PRO A 138 -6.37 23.52 32.11
CA PRO A 138 -5.60 23.56 30.86
C PRO A 138 -4.09 23.42 31.05
N VAL A 139 -3.47 22.71 30.11
CA VAL A 139 -2.03 22.49 30.12
C VAL A 139 -1.53 22.98 28.75
N LYS A 140 -0.55 23.87 28.74
CA LYS A 140 -0.03 24.37 27.46
C LYS A 140 0.74 23.18 26.80
N MET A 141 0.41 22.85 25.55
CA MET A 141 1.12 21.75 24.91
C MET A 141 2.33 22.28 24.12
N PHE A 142 2.19 23.47 23.55
CA PHE A 142 3.27 24.10 22.78
C PHE A 142 2.85 25.49 22.27
N ASP A 143 3.85 26.33 22.01
CA ASP A 143 3.63 27.71 21.52
C ASP A 143 3.39 27.72 20.00
N ARG A 144 2.35 28.40 19.52
CA ARG A 144 2.11 28.45 18.07
C ARG A 144 3.32 28.90 17.26
N HIS A 145 3.49 28.33 16.07
CA HIS A 145 4.62 28.68 15.22
C HIS A 145 4.26 29.92 14.41
N SER A 146 5.24 30.81 14.18
CA SER A 146 5.01 32.06 13.44
C SER A 146 4.41 31.86 12.05
N SER A 147 4.59 30.66 11.48
CA SER A 147 4.06 30.39 10.16
C SER A 147 2.54 30.31 10.06
N LEU A 148 1.84 30.33 11.21
CA LEU A 148 0.37 30.27 11.23
C LEU A 148 -0.20 31.61 11.69
N ALA A 149 0.71 32.47 12.10
CA ALA A 149 0.35 33.80 12.55
C ALA A 149 -0.53 34.50 11.55
N GLY A 150 -1.77 34.76 11.89
CA GLY A 150 -2.61 35.46 10.96
C GLY A 150 -3.61 34.55 10.32
N CYS A 151 -3.30 33.25 10.26
CA CYS A 151 -4.22 32.27 9.63
C CYS A 151 -5.48 32.11 10.42
N GLN A 152 -6.52 31.63 9.76
CA GLN A 152 -7.75 31.36 10.43
C GLN A 152 -7.61 29.90 10.89
N ILE A 153 -7.56 29.65 12.19
CA ILE A 153 -7.41 28.26 12.61
C ILE A 153 -8.66 27.44 12.23
N ILE A 154 -8.45 26.28 11.63
CA ILE A 154 -9.57 25.47 11.16
C ILE A 154 -9.50 24.08 11.67
N ASN A 155 -8.37 23.67 12.22
CA ASN A 155 -8.32 22.32 12.71
C ASN A 155 -7.15 21.94 13.60
N TYR A 156 -7.42 21.03 14.54
CA TYR A 156 -6.40 20.49 15.44
C TYR A 156 -6.61 18.96 15.50
N ARG A 157 -5.51 18.21 15.37
CA ARG A 157 -5.59 16.77 15.42
C ARG A 157 -4.44 16.23 16.22
N THR A 158 -4.55 14.95 16.54
CA THR A 158 -3.61 14.23 17.38
C THR A 158 -3.44 12.76 16.93
N ASP A 159 -2.26 12.19 17.17
CA ASP A 159 -2.06 10.78 16.85
C ASP A 159 -2.73 10.08 18.02
N ALA A 160 -2.73 8.76 18.03
CA ALA A 160 -3.39 8.02 19.12
C ALA A 160 -2.82 8.33 20.50
N LYS A 161 -1.53 8.14 20.69
CA LYS A 161 -0.91 8.38 22.00
C LYS A 161 -0.71 9.87 22.37
N GLN A 162 -1.34 10.76 21.61
CA GLN A 162 -1.22 12.18 21.83
C GLN A 162 0.22 12.63 22.01
N LYS A 163 1.08 12.04 21.17
CA LYS A 163 2.50 12.36 21.16
C LYS A 163 2.89 13.21 19.96
N TRP A 164 1.94 13.39 19.04
CA TRP A 164 2.14 14.17 17.82
C TRP A 164 0.93 15.00 17.67
N LEU A 165 1.12 16.32 17.57
CA LEU A 165 0.01 17.24 17.47
C LEU A 165 0.09 18.02 16.17
N LEU A 166 -1.07 18.28 15.56
CA LEU A 166 -1.14 19.00 14.32
C LEU A 166 -2.21 20.07 14.31
N LEU A 167 -1.74 21.32 14.23
CA LEU A 167 -2.62 22.48 14.19
C LEU A 167 -2.60 22.92 12.74
N THR A 168 -3.72 23.43 12.27
CA THR A 168 -3.82 23.87 10.90
C THR A 168 -4.62 25.13 10.74
N GLY A 169 -4.08 26.02 9.91
CA GLY A 169 -4.77 27.25 9.61
C GLY A 169 -4.63 27.52 8.13
N ILE A 170 -5.51 28.36 7.60
CA ILE A 170 -5.48 28.71 6.20
C ILE A 170 -5.62 30.23 6.02
N SER A 171 -4.97 30.77 5.00
CA SER A 171 -5.05 32.22 4.69
C SER A 171 -5.02 32.47 3.19
N ALA A 172 -5.43 33.65 2.77
CA ALA A 172 -5.39 33.95 1.36
C ALA A 172 -4.06 34.62 1.03
N GLN A 173 -3.33 34.03 0.12
CA GLN A 173 -2.06 34.55 -0.33
C GLN A 173 -1.98 34.23 -1.83
N GLN A 174 -1.36 35.09 -2.60
CA GLN A 174 -1.25 34.85 -4.04
C GLN A 174 -2.63 34.62 -4.63
N ASN A 175 -3.68 35.23 -4.10
CA ASN A 175 -5.00 34.97 -4.70
C ASN A 175 -5.38 33.50 -4.65
N ARG A 176 -4.86 32.78 -3.65
CA ARG A 176 -5.12 31.35 -3.49
C ARG A 176 -5.16 30.94 -1.99
N VAL A 177 -5.99 29.97 -1.63
CA VAL A 177 -6.07 29.53 -0.23
C VAL A 177 -4.77 28.78 0.05
N VAL A 178 -3.99 29.27 0.98
CA VAL A 178 -2.74 28.60 1.28
C VAL A 178 -3.00 27.94 2.62
N GLY A 179 -2.38 26.78 2.84
CA GLY A 179 -2.59 26.08 4.10
C GLY A 179 -1.31 26.02 4.90
N ALA A 180 -1.42 26.37 6.18
CA ALA A 180 -0.27 26.36 7.08
C ALA A 180 -0.57 25.41 8.23
N MET A 181 0.35 24.46 8.42
CA MET A 181 0.26 23.49 9.50
C MET A 181 1.49 23.45 10.39
N GLN A 182 1.30 23.18 11.67
CA GLN A 182 2.41 23.06 12.60
C GLN A 182 2.34 21.64 13.15
N LEU A 183 3.44 20.89 13.07
CA LEU A 183 3.47 19.54 13.56
C LEU A 183 4.41 19.53 14.75
N TYR A 184 3.86 19.32 15.95
CA TYR A 184 4.67 19.32 17.18
C TYR A 184 4.86 17.95 17.80
N SER A 185 6.08 17.67 18.25
CA SER A 185 6.38 16.39 18.88
C SER A 185 6.47 16.55 20.41
N VAL A 186 5.49 16.01 21.10
CA VAL A 186 5.51 16.05 22.53
C VAL A 186 6.81 15.50 23.12
N ASP A 187 7.37 14.45 22.53
CA ASP A 187 8.59 13.86 23.10
C ASP A 187 9.85 14.63 22.83
N ARG A 188 10.00 15.13 21.62
CA ARG A 188 11.23 15.84 21.33
C ARG A 188 11.07 17.35 21.41
N LYS A 189 9.92 17.79 21.91
CA LYS A 189 9.63 19.22 22.08
C LYS A 189 10.08 20.07 20.87
N VAL A 190 9.60 19.69 19.69
CA VAL A 190 9.99 20.41 18.48
C VAL A 190 8.84 20.56 17.49
N SER A 191 8.77 21.72 16.86
CA SER A 191 7.71 21.96 15.89
C SER A 191 8.28 21.88 14.49
N GLN A 192 7.40 21.70 13.50
CA GLN A 192 7.83 21.64 12.11
C GLN A 192 6.79 22.27 11.19
N PRO A 193 7.17 23.35 10.49
CA PRO A 193 6.18 23.98 9.59
C PRO A 193 5.97 23.10 8.38
N ILE A 194 4.72 22.96 7.96
CA ILE A 194 4.37 22.15 6.81
C ILE A 194 3.23 22.80 6.06
N GLU A 195 3.39 22.93 4.74
CA GLU A 195 2.30 23.49 3.94
C GLU A 195 1.25 22.37 3.84
N GLY A 196 0.00 22.68 4.18
CA GLY A 196 -1.01 21.65 4.11
C GLY A 196 -2.39 22.14 4.45
N HIS A 197 -3.40 21.48 3.89
CA HIS A 197 -4.76 21.87 4.14
C HIS A 197 -5.51 20.87 5.00
N ALA A 198 -5.33 19.57 4.75
CA ALA A 198 -6.06 18.60 5.55
C ALA A 198 -5.14 17.45 5.81
N ALA A 199 -5.41 16.72 6.88
CA ALA A 199 -4.57 15.60 7.26
C ALA A 199 -5.19 14.85 8.43
N SER A 200 -4.52 13.79 8.84
CA SER A 200 -5.01 12.98 9.95
C SER A 200 -3.90 12.03 10.30
N PHE A 201 -3.99 11.39 11.47
CA PHE A 201 -2.96 10.42 11.86
C PHE A 201 -3.64 9.05 11.75
N ALA A 202 -2.85 7.99 11.87
CA ALA A 202 -3.38 6.64 11.78
C ALA A 202 -2.41 5.59 12.30
N GLN A 203 -2.95 4.56 12.93
CA GLN A 203 -2.10 3.46 13.39
C GLN A 203 -2.01 2.38 12.27
N PHE A 204 -0.85 1.75 12.11
CA PHE A 204 -0.70 0.77 11.04
C PHE A 204 0.39 -0.27 11.29
N LYS A 205 0.01 -1.56 11.35
CA LYS A 205 1.04 -2.59 11.57
C LYS A 205 1.54 -3.18 10.25
N MET A 206 2.69 -2.71 9.80
CA MET A 206 3.30 -3.18 8.58
C MET A 206 3.56 -4.67 8.73
N GLU A 207 3.35 -5.45 7.65
CA GLU A 207 3.64 -6.88 7.66
C GLU A 207 5.11 -6.98 8.08
N GLY A 208 5.40 -7.95 8.94
CA GLY A 208 6.77 -8.11 9.36
C GLY A 208 7.15 -7.23 10.52
N ASN A 209 6.21 -6.42 11.01
CA ASN A 209 6.45 -5.54 12.15
C ASN A 209 5.68 -6.03 13.38
N ALA A 210 6.38 -6.15 14.49
CA ALA A 210 5.77 -6.59 15.75
C ALA A 210 4.88 -5.49 16.30
N GLU A 211 5.38 -4.25 16.23
CA GLU A 211 4.66 -3.07 16.72
C GLU A 211 4.01 -2.24 15.63
N GLU A 212 2.94 -1.53 15.99
CA GLU A 212 2.28 -0.67 15.01
C GLU A 212 3.19 0.52 14.67
N SER A 213 2.79 1.29 13.68
CA SER A 213 3.56 2.46 13.26
C SER A 213 2.66 3.67 13.29
N THR A 214 3.18 4.81 13.70
CA THR A 214 2.31 5.98 13.71
C THR A 214 2.53 6.77 12.46
N LEU A 215 1.44 6.99 11.76
CA LEU A 215 1.49 7.66 10.48
C LEU A 215 0.80 8.98 10.51
N PHE A 216 1.34 9.85 9.69
CA PHE A 216 0.84 11.19 9.48
C PHE A 216 0.61 11.28 7.97
N CYS A 217 -0.65 11.50 7.59
CA CYS A 217 -1.03 11.64 6.20
C CYS A 217 -1.70 13.03 6.03
N PHE A 218 -1.21 13.81 5.07
CA PHE A 218 -1.78 15.13 4.81
C PHE A 218 -1.94 15.41 3.30
N ALA A 219 -2.92 16.25 3.00
CA ALA A 219 -3.24 16.63 1.64
C ALA A 219 -2.96 18.11 1.50
N VAL A 220 -2.44 18.47 0.35
CA VAL A 220 -2.14 19.86 0.14
C VAL A 220 -2.26 20.22 -1.29
N ARG A 221 -2.86 21.38 -1.57
CA ARG A 221 -2.92 21.85 -2.92
C ARG A 221 -1.94 23.02 -2.89
N GLY A 222 -0.66 22.73 -3.11
CA GLY A 222 0.37 23.74 -3.13
C GLY A 222 0.54 24.43 -4.48
N GLN A 223 1.78 24.80 -4.80
CA GLN A 223 2.05 25.49 -6.06
C GLN A 223 2.16 24.43 -7.14
N ALA A 224 2.67 23.27 -6.74
CA ALA A 224 2.83 22.13 -7.63
C ALA A 224 1.53 21.33 -7.63
N GLY A 225 0.40 22.04 -7.48
CA GLY A 225 -0.90 21.39 -7.47
C GLY A 225 -1.13 20.42 -6.32
N GLY A 226 -2.14 19.56 -6.46
CA GLY A 226 -2.47 18.60 -5.41
C GLY A 226 -1.49 17.46 -5.12
N LYS A 227 -1.21 17.24 -3.84
CA LYS A 227 -0.34 16.18 -3.38
C LYS A 227 -0.91 15.63 -2.09
N LEU A 228 -0.50 14.42 -1.74
CA LEU A 228 -0.96 13.73 -0.55
C LEU A 228 0.23 12.93 -0.06
N HIS A 229 0.65 13.15 1.18
CA HIS A 229 1.80 12.40 1.65
C HIS A 229 1.40 11.48 2.77
N ILE A 230 2.17 10.41 2.93
CA ILE A 230 1.91 9.50 4.01
C ILE A 230 3.31 9.18 4.48
N ILE A 231 3.58 9.50 5.75
CA ILE A 231 4.89 9.28 6.33
C ILE A 231 4.77 8.74 7.76
N GLU A 232 5.84 8.11 8.23
CA GLU A 232 5.80 7.56 9.57
C GLU A 232 6.35 8.69 10.39
N VAL A 233 5.74 8.97 11.54
CA VAL A 233 6.24 10.04 12.40
C VAL A 233 7.06 9.47 13.55
N GLY A 234 8.22 10.07 13.76
CA GLY A 234 9.08 9.62 14.85
C GLY A 234 9.83 8.30 14.65
N THR A 235 10.65 7.97 15.64
CA THR A 235 11.43 6.75 15.67
C THR A 235 10.52 5.51 15.67
N PRO A 236 10.72 4.59 14.72
CA PRO A 236 9.92 3.37 14.61
C PRO A 236 10.12 2.57 15.87
N PRO A 237 9.04 1.82 16.30
CA PRO A 237 9.19 0.97 17.50
C PRO A 237 10.41 0.08 17.41
N THR A 238 11.12 -0.16 18.48
CA THR A 238 12.27 -1.05 18.40
C THR A 238 11.94 -2.31 17.62
N GLY A 239 12.80 -2.72 16.72
CA GLY A 239 12.56 -3.96 15.96
C GLY A 239 11.63 -3.77 14.81
N ASN A 240 11.03 -2.63 14.78
CA ASN A 240 10.18 -2.35 13.71
C ASN A 240 10.97 -1.87 12.55
N GLN A 241 10.16 -1.48 11.65
CA GLN A 241 10.69 -1.05 10.43
C GLN A 241 10.03 0.18 9.93
N PRO A 242 10.85 0.85 9.17
CA PRO A 242 10.36 2.11 8.56
C PRO A 242 9.11 1.97 7.79
N PHE A 243 8.38 3.04 7.68
CA PHE A 243 7.29 3.02 6.78
C PHE A 243 7.73 3.87 5.62
N PRO A 244 7.84 3.26 4.45
CA PRO A 244 8.28 4.08 3.32
C PRO A 244 7.47 5.32 3.16
N LYS A 245 8.05 6.50 3.03
CA LYS A 245 7.19 7.66 2.86
C LYS A 245 6.51 7.53 1.51
N LYS A 246 5.23 7.89 1.44
CA LYS A 246 4.48 7.80 0.18
C LYS A 246 4.01 9.19 -0.22
N ALA A 247 3.95 9.43 -1.53
CA ALA A 247 3.48 10.71 -2.08
C ALA A 247 2.74 10.39 -3.38
N VAL A 248 1.65 11.11 -3.62
CA VAL A 248 0.81 10.91 -4.79
C VAL A 248 0.01 12.21 -4.93
N ASP A 249 -0.14 12.71 -6.15
CA ASP A 249 -0.89 13.95 -6.27
C ASP A 249 -2.36 13.74 -6.09
N VAL A 250 -3.07 14.81 -5.76
CA VAL A 250 -4.50 14.73 -5.68
C VAL A 250 -4.93 15.61 -6.84
N PHE A 251 -5.91 15.09 -7.60
CA PHE A 251 -6.44 15.74 -8.77
C PHE A 251 -7.40 16.86 -8.41
N PHE A 252 -7.52 17.79 -9.34
CA PHE A 252 -8.37 18.95 -9.18
C PHE A 252 -8.81 19.35 -10.58
N PRO A 253 -10.02 18.96 -10.98
CA PRO A 253 -10.46 19.34 -12.32
C PRO A 253 -10.32 20.85 -12.55
N PRO A 254 -10.31 21.28 -13.82
CA PRO A 254 -10.19 22.69 -14.20
C PRO A 254 -11.31 23.61 -13.72
N GLU A 255 -12.50 23.05 -13.46
CA GLU A 255 -13.62 23.84 -12.98
C GLU A 255 -13.38 24.25 -11.54
N ALA A 256 -12.80 23.32 -10.76
CA ALA A 256 -12.47 23.53 -9.36
C ALA A 256 -11.14 24.26 -9.29
N GLN A 257 -11.10 25.50 -9.74
CA GLN A 257 -9.81 26.13 -9.71
C GLN A 257 -9.33 26.56 -8.36
N ASN A 258 -10.21 27.08 -7.51
CA ASN A 258 -9.76 27.45 -6.16
C ASN A 258 -10.33 26.56 -5.06
N ASP A 259 -10.54 25.28 -5.41
CA ASP A 259 -11.04 24.28 -4.47
C ASP A 259 -9.80 23.70 -3.82
N PHE A 260 -9.91 23.18 -2.60
CA PHE A 260 -8.77 22.59 -1.91
C PHE A 260 -9.30 21.58 -0.89
N PRO A 261 -8.41 20.78 -0.30
CA PRO A 261 -8.74 19.76 0.70
C PRO A 261 -9.23 20.38 2.00
N VAL A 262 -10.33 19.88 2.54
CA VAL A 262 -10.88 20.37 3.80
C VAL A 262 -11.14 19.32 4.86
N ALA A 263 -10.85 18.06 4.59
CA ALA A 263 -11.15 17.07 5.61
C ALA A 263 -10.49 15.75 5.30
N MET A 264 -10.19 15.01 6.34
CA MET A 264 -9.55 13.76 6.12
C MET A 264 -9.77 12.74 7.22
N GLN A 265 -10.56 11.72 6.94
CA GLN A 265 -10.70 10.66 7.93
C GLN A 265 -10.02 9.43 7.36
N ILE A 266 -9.46 8.61 8.24
CA ILE A 266 -8.80 7.37 7.86
C ILE A 266 -9.44 6.15 8.59
N SER A 267 -9.98 5.22 7.81
CA SER A 267 -10.57 3.99 8.36
C SER A 267 -9.48 2.95 8.62
N GLU A 268 -9.25 2.62 9.89
CA GLU A 268 -8.24 1.66 10.33
C GLU A 268 -8.78 0.23 9.99
N LYS A 269 -10.08 0.19 9.68
CA LYS A 269 -10.83 -1.03 9.35
C LYS A 269 -10.53 -1.48 7.94
N HIS A 270 -10.36 -0.51 7.06
CA HIS A 270 -10.07 -0.80 5.67
C HIS A 270 -8.71 -0.30 5.25
N ASP A 271 -8.07 0.47 6.12
CA ASP A 271 -6.79 1.08 5.81
C ASP A 271 -6.91 1.96 4.54
N VAL A 272 -7.88 2.87 4.55
CA VAL A 272 -8.08 3.79 3.44
C VAL A 272 -8.17 5.25 3.90
N VAL A 273 -7.90 6.18 3.00
CA VAL A 273 -7.96 7.58 3.37
C VAL A 273 -9.06 8.32 2.63
N PHE A 274 -10.08 8.79 3.38
CA PHE A 274 -11.16 9.59 2.77
C PHE A 274 -10.67 11.06 2.84
N LEU A 275 -10.75 11.75 1.71
CA LEU A 275 -10.31 13.13 1.60
C LEU A 275 -11.44 13.92 0.97
N ILE A 276 -11.92 14.95 1.65
CA ILE A 276 -12.98 15.71 1.02
C ILE A 276 -12.47 17.11 0.74
N THR A 277 -12.90 17.71 -0.35
CA THR A 277 -12.44 19.04 -0.64
C THR A 277 -13.54 19.99 -0.24
N LYS A 278 -13.19 21.27 -0.19
CA LYS A 278 -14.13 22.29 0.22
C LYS A 278 -15.39 22.19 -0.58
N TYR A 279 -15.23 21.91 -1.87
CA TYR A 279 -16.38 21.89 -2.76
C TYR A 279 -17.10 20.59 -3.15
N GLY A 280 -16.98 19.55 -2.32
CA GLY A 280 -17.71 18.32 -2.62
C GLY A 280 -17.00 17.16 -3.28
N TYR A 281 -15.68 17.20 -3.37
CA TYR A 281 -14.97 16.09 -4.00
C TYR A 281 -14.54 15.12 -2.94
N ILE A 282 -14.70 13.85 -3.26
CA ILE A 282 -14.34 12.77 -2.37
C ILE A 282 -13.22 11.98 -3.05
N HIS A 283 -12.19 11.60 -2.30
CA HIS A 283 -11.09 10.82 -2.85
C HIS A 283 -10.86 9.65 -1.92
N LEU A 284 -10.50 8.51 -2.51
CA LEU A 284 -10.21 7.29 -1.77
C LEU A 284 -8.78 6.98 -2.05
N TYR A 285 -7.99 6.80 -1.00
CA TYR A 285 -6.60 6.45 -1.21
C TYR A 285 -6.27 5.30 -0.27
N ASP A 286 -5.39 4.43 -0.74
CA ASP A 286 -4.96 3.31 0.07
C ASP A 286 -3.96 3.90 1.08
N LEU A 287 -4.16 3.62 2.37
CA LEU A 287 -3.26 4.16 3.36
C LEU A 287 -1.86 3.65 3.18
N GLU A 288 -1.79 2.37 2.82
CA GLU A 288 -0.51 1.67 2.66
C GLU A 288 0.33 2.12 1.48
N THR A 289 -0.28 2.23 0.30
CA THR A 289 0.49 2.56 -0.88
C THR A 289 0.19 3.96 -1.34
N GLY A 290 -0.91 4.51 -0.87
CA GLY A 290 -1.29 5.84 -1.31
C GLY A 290 -1.91 5.77 -2.69
N THR A 291 -2.27 4.58 -3.10
CA THR A 291 -2.87 4.39 -4.39
C THR A 291 -4.30 4.93 -4.39
N CYS A 292 -4.53 5.91 -5.25
CA CYS A 292 -5.84 6.52 -5.37
C CYS A 292 -6.83 5.52 -5.94
N ILE A 293 -7.70 5.04 -5.06
CA ILE A 293 -8.71 4.06 -5.42
C ILE A 293 -9.85 4.68 -6.22
N TYR A 294 -10.52 5.67 -5.65
CA TYR A 294 -11.69 6.25 -6.32
C TYR A 294 -11.68 7.77 -6.19
N MET A 295 -12.57 8.45 -6.93
CA MET A 295 -12.61 9.90 -6.90
C MET A 295 -13.75 10.53 -7.69
N ASN A 296 -14.73 11.10 -7.01
CA ASN A 296 -15.80 11.75 -7.73
C ASN A 296 -16.40 12.87 -6.89
N ARG A 297 -17.61 13.32 -7.18
CA ARG A 297 -18.20 14.41 -6.44
C ARG A 297 -19.49 14.02 -5.73
N ILE A 298 -19.46 14.16 -4.40
CA ILE A 298 -20.58 13.84 -3.49
C ILE A 298 -21.33 15.03 -2.93
N SER A 299 -21.01 16.25 -3.33
CA SER A 299 -21.77 17.39 -2.79
C SER A 299 -21.65 18.62 -3.69
N GLY A 300 -22.77 19.24 -4.03
CA GLY A 300 -22.71 20.41 -4.87
C GLY A 300 -22.52 21.66 -4.00
N GLU A 301 -22.95 21.55 -2.74
CA GLU A 301 -22.81 22.59 -1.74
C GLU A 301 -21.48 22.33 -1.02
N THR A 302 -20.84 23.39 -0.54
CA THR A 302 -19.54 23.24 0.13
C THR A 302 -19.61 22.51 1.45
N ILE A 303 -18.55 21.81 1.79
CA ILE A 303 -18.50 21.05 3.04
C ILE A 303 -17.56 21.74 4.03
N PHE A 304 -18.07 22.01 5.24
CA PHE A 304 -17.28 22.72 6.26
C PHE A 304 -16.97 21.96 7.52
N VAL A 305 -17.50 20.75 7.66
CA VAL A 305 -17.24 19.99 8.90
C VAL A 305 -17.43 18.49 8.69
N THR A 306 -16.58 17.71 9.31
CA THR A 306 -16.72 16.27 9.18
C THR A 306 -16.21 15.59 10.42
N ALA A 307 -16.63 14.35 10.60
CA ALA A 307 -16.22 13.54 11.73
C ALA A 307 -16.27 12.12 11.21
N PRO A 308 -15.64 11.19 11.93
CA PRO A 308 -15.59 9.76 11.60
C PRO A 308 -17.03 9.20 11.64
N HIS A 309 -17.47 8.43 10.64
CA HIS A 309 -18.80 7.82 10.81
C HIS A 309 -18.43 6.47 11.44
N GLU A 310 -18.46 6.41 12.77
CA GLU A 310 -18.08 5.19 13.50
C GLU A 310 -18.70 3.91 12.94
N ALA A 311 -20.03 3.91 12.81
CA ALA A 311 -20.78 2.77 12.28
C ALA A 311 -20.11 2.08 11.09
N THR A 312 -19.97 2.83 9.99
CA THR A 312 -19.39 2.35 8.74
C THR A 312 -17.88 2.41 8.68
N ALA A 313 -17.25 3.07 9.64
CA ALA A 313 -15.79 3.24 9.61
C ALA A 313 -15.42 4.25 8.49
N GLY A 314 -16.42 5.02 8.06
CA GLY A 314 -16.23 6.01 7.02
C GLY A 314 -16.10 7.43 7.50
N ILE A 315 -16.83 8.35 6.85
CA ILE A 315 -16.72 9.75 7.19
C ILE A 315 -18.03 10.47 6.98
N ILE A 316 -18.45 11.22 8.01
CA ILE A 316 -19.72 11.96 7.98
C ILE A 316 -19.46 13.47 7.92
N GLY A 317 -20.41 14.23 7.39
CA GLY A 317 -20.21 15.67 7.27
C GLY A 317 -21.41 16.51 6.89
N VAL A 318 -21.38 17.79 7.24
CA VAL A 318 -22.49 18.68 6.92
C VAL A 318 -21.99 19.67 5.87
N ASN A 319 -22.91 20.11 5.02
CA ASN A 319 -22.56 21.07 4.00
C ASN A 319 -23.52 22.25 4.11
N ARG A 320 -23.11 23.37 3.52
CA ARG A 320 -23.85 24.60 3.57
C ARG A 320 -25.38 24.56 3.40
N LYS A 321 -25.92 23.48 2.85
CA LYS A 321 -27.38 23.37 2.69
C LYS A 321 -28.06 22.75 3.92
N GLY A 322 -27.27 22.10 4.76
CA GLY A 322 -27.82 21.48 5.95
C GLY A 322 -27.94 19.98 5.72
N GLN A 323 -27.47 19.54 4.56
CA GLN A 323 -27.51 18.14 4.19
C GLN A 323 -26.38 17.42 4.90
N VAL A 324 -26.74 16.41 5.70
CA VAL A 324 -25.76 15.62 6.46
C VAL A 324 -25.54 14.34 5.67
N LEU A 325 -24.33 14.16 5.15
CA LEU A 325 -24.01 13.00 4.35
C LEU A 325 -22.78 12.24 4.77
N SER A 326 -22.73 10.96 4.43
CA SER A 326 -21.58 10.15 4.78
C SER A 326 -21.09 9.41 3.54
N VAL A 327 -19.93 8.78 3.68
CA VAL A 327 -19.30 8.04 2.62
C VAL A 327 -18.43 7.01 3.32
N CYS A 328 -18.56 5.75 2.91
CA CYS A 328 -17.73 4.73 3.51
C CYS A 328 -17.30 3.78 2.41
N VAL A 329 -16.56 2.76 2.82
CA VAL A 329 -16.12 1.73 1.89
C VAL A 329 -17.34 0.84 1.70
N GLU A 330 -17.59 0.44 0.47
CA GLU A 330 -18.69 -0.47 0.16
C GLU A 330 -18.05 -1.84 0.19
N GLU A 331 -17.96 -2.42 1.39
CA GLU A 331 -17.32 -3.71 1.56
C GLU A 331 -17.70 -4.75 0.54
N GLU A 332 -18.93 -4.67 0.03
CA GLU A 332 -19.40 -5.62 -0.95
C GLU A 332 -18.63 -5.57 -2.29
N ASN A 333 -18.13 -4.39 -2.69
CA ASN A 333 -17.43 -4.27 -3.97
C ASN A 333 -16.04 -3.63 -4.05
N ILE A 334 -15.56 -3.05 -2.95
CA ILE A 334 -14.26 -2.39 -3.01
C ILE A 334 -13.28 -3.27 -3.79
N ILE A 335 -13.22 -4.56 -3.48
CA ILE A 335 -12.31 -5.45 -4.19
C ILE A 335 -12.64 -5.53 -5.69
N PRO A 336 -13.82 -6.08 -6.05
CA PRO A 336 -14.26 -6.21 -7.44
C PRO A 336 -13.92 -4.96 -8.21
N TYR A 337 -14.22 -3.80 -7.62
CA TYR A 337 -13.94 -2.53 -8.26
C TYR A 337 -12.44 -2.34 -8.50
N ILE A 338 -11.65 -2.55 -7.48
CA ILE A 338 -10.23 -2.34 -7.68
C ILE A 338 -9.67 -3.27 -8.75
N THR A 339 -10.12 -4.53 -8.70
CA THR A 339 -9.68 -5.58 -9.61
C THR A 339 -10.10 -5.31 -11.05
N ASN A 340 -11.40 -5.19 -11.26
CA ASN A 340 -11.88 -4.97 -12.61
C ASN A 340 -11.67 -3.52 -13.01
N VAL A 341 -12.63 -2.64 -12.69
CA VAL A 341 -12.57 -1.20 -13.03
C VAL A 341 -11.15 -0.57 -12.99
N LEU A 342 -10.47 -0.64 -11.86
CA LEU A 342 -9.12 -0.07 -11.78
C LEU A 342 -8.06 -0.91 -12.45
N GLN A 343 -8.40 -2.17 -12.67
CA GLN A 343 -7.46 -3.12 -13.28
C GLN A 343 -6.18 -3.09 -12.47
N ASN A 344 -6.33 -3.23 -11.16
CA ASN A 344 -5.20 -3.26 -10.24
C ASN A 344 -5.38 -4.52 -9.43
N PRO A 345 -4.86 -5.63 -9.96
CA PRO A 345 -4.94 -6.92 -9.30
C PRO A 345 -4.15 -6.91 -8.01
N ASP A 346 -2.92 -6.38 -8.02
CA ASP A 346 -2.09 -6.37 -6.82
C ASP A 346 -2.75 -5.64 -5.67
N LEU A 347 -3.20 -4.41 -5.90
CA LEU A 347 -3.82 -3.67 -4.83
C LEU A 347 -5.00 -4.48 -4.32
N ALA A 348 -5.86 -4.94 -5.23
CA ALA A 348 -7.02 -5.72 -4.81
C ALA A 348 -6.69 -6.99 -4.02
N LEU A 349 -5.71 -7.75 -4.48
CA LEU A 349 -5.33 -8.99 -3.81
C LEU A 349 -4.87 -8.68 -2.42
N ARG A 350 -4.21 -7.53 -2.28
CA ARG A 350 -3.68 -7.07 -1.01
C ARG A 350 -4.76 -6.53 -0.06
N MET A 351 -5.64 -5.70 -0.59
CA MET A 351 -6.69 -5.14 0.26
C MET A 351 -7.48 -6.29 0.89
N ALA A 352 -7.92 -7.24 0.06
CA ALA A 352 -8.70 -8.37 0.53
C ALA A 352 -7.95 -9.09 1.64
N VAL A 353 -6.81 -9.66 1.32
CA VAL A 353 -6.03 -10.35 2.33
C VAL A 353 -5.79 -9.54 3.58
N ARG A 354 -5.13 -8.36 3.36
CA ARG A 354 -4.66 -7.46 4.42
C ARG A 354 -5.78 -7.01 5.31
N ASN A 355 -6.81 -6.56 4.66
CA ASN A 355 -7.95 -6.03 5.37
C ASN A 355 -9.23 -6.94 5.37
N ASN A 356 -9.07 -8.27 5.11
CA ASN A 356 -10.04 -9.42 5.13
C ASN A 356 -11.38 -9.16 4.57
N LEU A 357 -11.32 -8.62 3.41
CA LEU A 357 -12.53 -8.25 2.78
C LEU A 357 -13.13 -9.36 1.95
N ILE B 4 29.67 -15.55 11.17
CA ILE B 4 29.81 -15.00 9.82
C ILE B 4 28.48 -15.28 9.12
N LEU B 5 28.42 -15.00 7.82
CA LEU B 5 27.18 -15.22 7.09
C LEU B 5 27.39 -16.19 5.92
N PRO B 6 26.51 -17.20 5.78
CA PRO B 6 26.66 -18.16 4.69
C PRO B 6 26.34 -17.51 3.34
N ILE B 7 25.66 -16.38 3.39
CA ILE B 7 25.31 -15.66 2.18
C ILE B 7 25.98 -14.28 2.17
N ARG B 8 25.89 -13.60 1.04
CA ARG B 8 26.45 -12.28 0.86
C ARG B 8 25.36 -11.42 0.23
N PHE B 9 25.03 -10.31 0.89
CA PHE B 9 24.00 -9.41 0.40
C PHE B 9 24.62 -8.27 -0.39
N GLN B 10 23.84 -7.58 -1.21
CA GLN B 10 24.44 -6.52 -1.97
C GLN B 10 23.44 -5.67 -2.74
N GLU B 11 23.47 -4.36 -2.51
CA GLU B 11 22.60 -3.41 -3.20
C GLU B 11 23.32 -3.07 -4.50
N HIS B 12 22.58 -3.06 -5.60
CA HIS B 12 23.20 -2.78 -6.89
C HIS B 12 22.72 -1.45 -7.40
N LEU B 13 21.45 -1.12 -7.12
CA LEU B 13 20.86 0.12 -7.57
C LEU B 13 19.69 0.64 -6.78
N GLN B 14 19.34 1.88 -7.10
CA GLN B 14 18.25 2.62 -6.49
C GLN B 14 17.49 3.34 -7.62
N LEU B 15 16.74 2.58 -8.42
CA LEU B 15 16.01 3.15 -9.56
C LEU B 15 15.48 4.57 -9.35
N GLN B 16 15.27 4.92 -8.08
CA GLN B 16 14.79 6.26 -7.72
C GLN B 16 15.88 7.26 -8.17
N ASN B 17 17.11 7.02 -7.73
CA ASN B 17 18.24 7.86 -8.11
C ASN B 17 18.35 8.07 -9.61
N LEU B 18 17.76 7.17 -10.41
CA LEU B 18 17.82 7.28 -11.86
C LEU B 18 16.65 8.09 -12.42
N GLY B 19 15.77 8.52 -11.55
CA GLY B 19 14.65 9.31 -11.99
C GLY B 19 13.43 8.47 -12.34
N ILE B 20 13.33 7.26 -11.81
CA ILE B 20 12.15 6.48 -12.09
C ILE B 20 11.10 6.78 -11.06
N ASN B 21 9.91 7.09 -11.55
CA ASN B 21 8.80 7.38 -10.66
C ASN B 21 8.50 6.13 -9.82
N PRO B 22 8.46 6.27 -8.49
CA PRO B 22 8.17 5.10 -7.66
C PRO B 22 6.84 4.46 -8.02
N ALA B 23 5.98 5.20 -8.70
CA ALA B 23 4.69 4.65 -9.10
C ALA B 23 4.91 3.47 -10.06
N ASN B 24 5.87 3.62 -10.95
CA ASN B 24 6.15 2.60 -11.94
C ASN B 24 7.07 1.50 -11.46
N ILE B 25 7.41 1.47 -10.18
CA ILE B 25 8.30 0.44 -9.65
C ILE B 25 7.47 -0.71 -9.05
N GLY B 26 6.74 -1.40 -9.92
CA GLY B 26 5.93 -2.52 -9.52
C GLY B 26 5.89 -3.62 -10.56
N PHE B 27 5.19 -4.70 -10.22
CA PHE B 27 5.00 -5.88 -11.06
C PHE B 27 4.67 -5.63 -12.54
N SER B 28 3.64 -4.82 -12.80
CA SER B 28 3.17 -4.59 -14.15
C SER B 28 3.78 -3.47 -15.00
N THR B 29 4.87 -2.89 -14.54
CA THR B 29 5.47 -1.78 -15.27
C THR B 29 6.98 -1.89 -15.30
N LEU B 30 7.52 -2.67 -14.36
CA LEU B 30 8.97 -2.86 -14.22
C LEU B 30 9.28 -4.33 -14.43
N THR B 31 10.10 -4.65 -15.42
CA THR B 31 10.42 -6.04 -15.66
C THR B 31 11.91 -6.28 -15.63
N MET B 32 12.33 -7.44 -15.12
CA MET B 32 13.73 -7.82 -15.06
C MET B 32 13.78 -9.32 -15.45
N GLU B 33 13.96 -9.56 -16.76
CA GLU B 33 13.99 -10.90 -17.33
C GLU B 33 15.35 -11.52 -17.23
N SER B 34 16.26 -10.83 -16.61
CA SER B 34 17.62 -11.34 -16.47
C SER B 34 18.29 -10.28 -15.63
N ASP B 35 19.54 -10.51 -15.24
CA ASP B 35 20.20 -9.50 -14.47
C ASP B 35 20.92 -8.52 -15.37
N LYS B 36 20.70 -8.64 -16.69
CA LYS B 36 21.33 -7.75 -17.67
C LYS B 36 20.56 -6.45 -17.95
N PHE B 37 19.26 -6.45 -17.69
CA PHE B 37 18.45 -5.28 -17.97
C PHE B 37 17.19 -5.17 -17.12
N ILE B 38 16.71 -3.93 -16.96
CA ILE B 38 15.48 -3.69 -16.23
C ILE B 38 14.75 -2.73 -17.16
N CYS B 39 13.44 -2.94 -17.40
CA CYS B 39 12.66 -2.04 -18.24
C CYS B 39 11.56 -1.47 -17.42
N ILE B 40 11.35 -0.17 -17.52
CA ILE B 40 10.27 0.43 -16.78
C ILE B 40 9.38 1.10 -17.80
N ARG B 41 8.06 1.07 -17.59
CA ARG B 41 7.16 1.75 -18.51
C ARG B 41 6.60 2.98 -17.79
N GLU B 42 6.80 4.16 -18.38
CA GLU B 42 6.34 5.38 -17.76
C GLU B 42 5.50 6.19 -18.69
N LYS B 43 4.61 6.96 -18.09
CA LYS B 43 3.73 7.85 -18.84
C LYS B 43 4.36 9.19 -18.47
N VAL B 44 5.18 9.72 -19.37
CA VAL B 44 5.87 11.00 -19.16
C VAL B 44 5.20 12.06 -20.03
N GLY B 45 4.24 12.76 -19.44
CA GLY B 45 3.47 13.75 -20.19
C GLY B 45 2.27 12.95 -20.64
N GLU B 46 1.80 13.18 -21.87
CA GLU B 46 0.65 12.44 -22.38
C GLU B 46 1.17 11.33 -23.31
N GLN B 47 2.47 11.09 -23.26
CA GLN B 47 3.07 10.07 -24.09
C GLN B 47 3.78 8.99 -23.28
N ALA B 48 3.49 7.73 -23.62
CA ALA B 48 4.10 6.59 -22.93
C ALA B 48 5.52 6.34 -23.45
N GLN B 49 6.32 5.59 -22.70
CA GLN B 49 7.68 5.33 -23.11
C GLN B 49 8.38 4.32 -22.21
N VAL B 50 9.36 3.62 -22.76
CA VAL B 50 10.05 2.61 -21.98
C VAL B 50 11.43 3.08 -21.65
N VAL B 51 11.82 2.85 -20.41
CA VAL B 51 13.15 3.21 -19.97
C VAL B 51 13.84 1.88 -19.80
N ILE B 52 14.98 1.74 -20.45
CA ILE B 52 15.74 0.51 -20.34
C ILE B 52 16.95 0.86 -19.51
N ILE B 53 17.32 -0.01 -18.61
CA ILE B 53 18.48 0.24 -17.80
C ILE B 53 19.40 -0.93 -18.06
N ASP B 54 20.57 -0.62 -18.58
CA ASP B 54 21.58 -1.62 -18.89
C ASP B 54 22.35 -1.83 -17.60
N MET B 55 22.18 -2.95 -16.95
CA MET B 55 22.88 -3.13 -15.68
C MET B 55 24.39 -2.92 -15.72
N ASN B 56 24.98 -2.79 -16.90
CA ASN B 56 26.42 -2.55 -16.96
C ASN B 56 26.71 -1.05 -17.03
N ASP B 57 25.65 -0.30 -17.07
CA ASP B 57 25.76 1.11 -17.23
C ASP B 57 24.46 1.76 -16.73
N PRO B 58 24.18 1.52 -15.43
CA PRO B 58 22.96 2.08 -14.79
C PRO B 58 22.66 3.53 -15.03
N SER B 59 23.71 4.32 -14.86
CA SER B 59 23.63 5.77 -14.98
C SER B 59 23.08 6.30 -16.31
N ASN B 60 23.18 5.52 -17.39
CA ASN B 60 22.69 5.99 -18.69
C ASN B 60 21.40 5.34 -19.22
N PRO B 61 20.33 5.37 -18.43
CA PRO B 61 19.10 4.76 -18.91
C PRO B 61 18.70 5.41 -20.22
N ILE B 62 18.26 4.61 -21.19
CA ILE B 62 17.80 5.17 -22.46
C ILE B 62 16.29 5.14 -22.48
N ARG B 63 15.71 6.26 -22.90
CA ARG B 63 14.26 6.39 -22.98
C ARG B 63 13.78 6.40 -24.42
N ARG B 64 12.66 5.74 -24.68
CA ARG B 64 12.11 5.70 -26.02
C ARG B 64 10.60 5.70 -25.93
N PRO B 65 9.90 6.27 -26.92
CA PRO B 65 8.45 6.32 -26.94
C PRO B 65 7.82 4.96 -27.33
N ILE B 66 7.01 4.39 -26.45
CA ILE B 66 6.34 3.15 -26.81
C ILE B 66 4.85 3.34 -26.61
N SER B 67 4.07 2.34 -26.98
CA SER B 67 2.63 2.45 -26.80
C SER B 67 2.20 1.06 -26.34
N ALA B 68 3.20 0.31 -25.89
CA ALA B 68 2.96 -1.04 -25.44
C ALA B 68 2.35 -1.05 -24.06
N ASP B 69 1.58 -2.08 -23.76
CA ASP B 69 0.99 -2.24 -22.46
C ASP B 69 1.91 -3.22 -21.71
N SER B 70 3.05 -3.52 -22.31
CA SER B 70 4.00 -4.41 -21.68
C SER B 70 5.25 -4.54 -22.53
N ALA B 71 6.39 -4.59 -21.85
CA ALA B 71 7.68 -4.68 -22.50
C ALA B 71 8.56 -5.65 -21.74
N ILE B 72 9.32 -6.48 -22.45
CA ILE B 72 10.24 -7.40 -21.79
C ILE B 72 11.53 -7.60 -22.56
N MET B 73 12.65 -7.36 -21.91
CA MET B 73 13.93 -7.53 -22.57
C MET B 73 14.42 -8.98 -22.62
N ASN B 74 15.04 -9.34 -23.74
CA ASN B 74 15.61 -10.65 -23.92
C ASN B 74 16.65 -10.77 -22.81
N PRO B 75 16.89 -11.98 -22.29
CA PRO B 75 17.89 -12.09 -21.22
C PRO B 75 19.29 -11.77 -21.61
N ALA B 76 19.58 -11.69 -22.88
CA ALA B 76 20.97 -11.45 -23.20
C ALA B 76 21.26 -10.46 -24.28
N SER B 77 20.27 -9.70 -24.73
CA SER B 77 20.53 -8.77 -25.80
C SER B 77 19.44 -7.71 -25.92
N LYS B 78 19.82 -6.56 -26.47
CA LYS B 78 18.90 -5.46 -26.64
C LYS B 78 17.86 -5.79 -27.71
N VAL B 79 17.16 -6.87 -27.42
CA VAL B 79 16.10 -7.39 -28.28
C VAL B 79 14.91 -7.33 -27.34
N ILE B 80 13.87 -6.61 -27.73
CA ILE B 80 12.75 -6.40 -26.84
C ILE B 80 11.39 -6.78 -27.35
N ALA B 81 10.63 -7.45 -26.49
CA ALA B 81 9.28 -7.87 -26.80
C ALA B 81 8.31 -6.77 -26.34
N LEU B 82 7.42 -6.32 -27.22
CA LEU B 82 6.47 -5.29 -26.87
C LEU B 82 5.11 -5.76 -27.31
N LYS B 83 4.14 -5.56 -26.44
CA LYS B 83 2.80 -6.01 -26.74
C LYS B 83 1.79 -4.91 -26.58
N ALA B 84 0.84 -4.87 -27.51
CA ALA B 84 -0.22 -3.87 -27.50
C ALA B 84 -1.57 -4.54 -27.68
N GLY B 85 -2.06 -5.24 -26.67
CA GLY B 85 -3.34 -5.89 -26.83
C GLY B 85 -3.06 -7.27 -27.35
N LYS B 86 -3.66 -7.64 -28.49
CA LYS B 86 -3.39 -8.97 -29.04
C LYS B 86 -2.20 -8.93 -30.01
N THR B 87 -1.68 -7.71 -30.25
CA THR B 87 -0.54 -7.45 -31.13
C THR B 87 0.82 -7.57 -30.43
N LEU B 88 1.72 -8.40 -30.97
CA LEU B 88 3.05 -8.60 -30.39
C LEU B 88 4.13 -8.26 -31.42
N GLN B 89 5.18 -7.56 -30.99
CA GLN B 89 6.30 -7.20 -31.85
C GLN B 89 7.59 -7.38 -31.10
N ILE B 90 8.61 -7.85 -31.80
CA ILE B 90 9.94 -8.06 -31.25
C ILE B 90 10.84 -7.13 -32.05
N PHE B 91 11.62 -6.31 -31.37
CA PHE B 91 12.50 -5.36 -32.04
C PHE B 91 13.90 -5.56 -31.62
N ASN B 92 14.84 -5.36 -32.54
CA ASN B 92 16.23 -5.43 -32.11
C ASN B 92 16.58 -3.95 -32.01
N ILE B 93 16.57 -3.44 -30.78
CA ILE B 93 16.82 -2.03 -30.48
C ILE B 93 18.07 -1.50 -31.20
N GLU B 94 19.20 -2.15 -31.04
CA GLU B 94 20.39 -1.65 -31.67
C GLU B 94 20.29 -1.63 -33.20
N MET B 95 19.52 -2.54 -33.80
CA MET B 95 19.37 -2.57 -35.27
C MET B 95 18.14 -1.82 -35.73
N LYS B 96 17.44 -1.18 -34.78
CA LYS B 96 16.21 -0.44 -35.08
C LYS B 96 15.33 -1.19 -36.07
N SER B 97 15.22 -2.50 -35.88
CA SER B 97 14.40 -3.30 -36.79
C SER B 97 13.39 -4.20 -36.09
N LYS B 98 12.28 -4.41 -36.78
CA LYS B 98 11.21 -5.23 -36.30
C LYS B 98 11.52 -6.67 -36.73
N MET B 99 12.00 -7.48 -35.80
CA MET B 99 12.34 -8.85 -36.11
C MET B 99 11.15 -9.69 -36.53
N LYS B 100 10.31 -10.05 -35.56
CA LYS B 100 9.13 -10.85 -35.81
C LYS B 100 7.89 -10.14 -35.28
N ALA B 101 6.74 -10.41 -35.84
CA ALA B 101 5.51 -9.78 -35.33
C ALA B 101 4.46 -10.89 -35.36
N HIS B 102 3.44 -10.76 -34.52
CA HIS B 102 2.39 -11.75 -34.44
C HIS B 102 1.14 -11.15 -33.83
N THR B 103 -0.02 -11.57 -34.29
CA THR B 103 -1.25 -11.08 -33.73
C THR B 103 -2.06 -12.25 -33.15
N MET B 104 -2.08 -12.37 -31.83
CA MET B 104 -2.79 -13.43 -31.13
C MET B 104 -4.30 -13.26 -31.31
N THR B 105 -5.04 -14.35 -31.07
CA THR B 105 -6.51 -14.31 -31.15
C THR B 105 -7.05 -13.87 -29.78
N ASP B 106 -6.26 -14.16 -28.76
CA ASP B 106 -6.63 -13.78 -27.41
C ASP B 106 -5.55 -12.91 -26.78
N ASP B 107 -5.93 -12.08 -25.81
CA ASP B 107 -4.95 -11.24 -25.13
C ASP B 107 -4.05 -12.06 -24.24
N VAL B 108 -2.77 -11.71 -24.25
CA VAL B 108 -1.77 -12.38 -23.43
C VAL B 108 -1.84 -11.71 -22.07
N THR B 109 -2.08 -12.47 -21.01
CA THR B 109 -2.13 -11.85 -19.69
C THR B 109 -0.80 -11.96 -18.95
N PHE B 110 0.17 -12.58 -19.57
CA PHE B 110 1.47 -12.73 -18.94
C PHE B 110 2.35 -13.40 -19.99
N TRP B 111 3.64 -13.08 -19.98
CA TRP B 111 4.59 -13.67 -20.91
C TRP B 111 5.97 -13.36 -20.37
N LYS B 112 6.94 -14.20 -20.68
CA LYS B 112 8.28 -13.95 -20.22
C LYS B 112 9.24 -14.80 -21.02
N TRP B 113 10.48 -14.36 -21.06
CA TRP B 113 11.47 -15.09 -21.80
C TRP B 113 11.77 -16.30 -20.93
N ILE B 114 11.96 -17.48 -21.53
CA ILE B 114 12.27 -18.68 -20.74
C ILE B 114 13.58 -19.27 -21.20
N SER B 115 14.11 -18.73 -22.29
CA SER B 115 15.39 -19.18 -22.84
C SER B 115 15.99 -17.94 -23.51
N LEU B 116 17.21 -18.04 -24.03
CA LEU B 116 17.82 -16.93 -24.71
C LEU B 116 17.08 -16.65 -26.00
N ASN B 117 16.17 -17.56 -26.38
CA ASN B 117 15.43 -17.34 -27.64
C ASN B 117 13.97 -17.68 -27.67
N THR B 118 13.40 -18.12 -26.56
CA THR B 118 11.96 -18.39 -26.57
C THR B 118 11.18 -17.49 -25.61
N VAL B 119 9.99 -17.11 -26.04
CA VAL B 119 9.08 -16.27 -25.26
C VAL B 119 7.83 -17.09 -24.97
N ALA B 120 7.46 -17.20 -23.70
CA ALA B 120 6.25 -17.91 -23.36
C ALA B 120 5.13 -16.90 -23.28
N LEU B 121 3.98 -17.27 -23.81
CA LEU B 121 2.84 -16.41 -23.80
C LEU B 121 1.72 -17.12 -23.06
N VAL B 122 1.04 -16.42 -22.15
CA VAL B 122 -0.07 -17.02 -21.41
C VAL B 122 -1.31 -16.22 -21.68
N THR B 123 -2.35 -16.89 -22.20
CA THR B 123 -3.63 -16.24 -22.49
C THR B 123 -4.55 -16.73 -21.37
N ASP B 124 -5.80 -16.29 -21.35
CA ASP B 124 -6.70 -16.72 -20.30
C ASP B 124 -6.86 -18.23 -20.22
N ASN B 125 -6.78 -18.90 -21.36
CA ASN B 125 -6.94 -20.36 -21.31
C ASN B 125 -5.95 -21.24 -22.05
N ALA B 126 -4.70 -20.81 -22.12
CA ALA B 126 -3.68 -21.61 -22.80
C ALA B 126 -2.30 -20.99 -22.65
N VAL B 127 -1.29 -21.81 -22.87
CA VAL B 127 0.09 -21.35 -22.81
C VAL B 127 0.84 -21.69 -24.14
N TYR B 128 1.59 -20.73 -24.69
CA TYR B 128 2.33 -20.92 -25.93
C TYR B 128 3.80 -20.63 -25.74
N HIS B 129 4.62 -21.17 -26.63
CA HIS B 129 6.03 -20.94 -26.71
C HIS B 129 6.26 -20.28 -28.09
N TRP B 130 7.23 -19.40 -28.18
CA TRP B 130 7.47 -18.71 -29.43
C TRP B 130 8.94 -18.59 -29.56
N SER B 131 9.50 -19.29 -30.52
CA SER B 131 10.93 -19.19 -30.69
C SER B 131 11.23 -18.01 -31.58
N MET B 132 12.43 -17.45 -31.47
CA MET B 132 12.76 -16.34 -32.33
C MET B 132 13.56 -16.91 -33.48
N GLU B 133 13.93 -18.18 -33.30
CA GLU B 133 14.66 -18.92 -34.32
C GLU B 133 13.83 -19.02 -35.57
N GLY B 134 14.37 -18.51 -36.67
CA GLY B 134 13.69 -18.55 -37.96
C GLY B 134 12.31 -17.85 -38.03
N GLU B 135 11.46 -18.37 -38.89
CA GLU B 135 10.11 -17.87 -39.18
C GLU B 135 9.04 -18.55 -38.36
N SER B 136 9.35 -18.92 -37.12
CA SER B 136 8.38 -19.59 -36.28
C SER B 136 7.23 -18.68 -35.95
N GLN B 137 6.28 -19.28 -35.24
CA GLN B 137 5.10 -18.66 -34.74
C GLN B 137 4.78 -19.25 -33.39
N PRO B 138 3.79 -18.74 -32.65
CA PRO B 138 3.49 -19.29 -31.33
C PRO B 138 2.86 -20.68 -31.40
N VAL B 139 3.39 -21.59 -30.58
CA VAL B 139 2.96 -22.97 -30.51
C VAL B 139 2.30 -23.34 -29.17
N LYS B 140 0.98 -23.46 -29.15
CA LYS B 140 0.25 -23.87 -27.94
C LYS B 140 0.91 -25.10 -27.29
N MET B 141 1.43 -24.96 -26.08
CA MET B 141 2.06 -26.09 -25.39
C MET B 141 1.02 -26.92 -24.60
N PHE B 142 -0.04 -26.28 -24.13
CA PHE B 142 -1.05 -26.98 -23.36
C PHE B 142 -2.19 -26.03 -22.95
N ASP B 143 -3.35 -26.61 -22.62
CA ASP B 143 -4.48 -25.80 -22.23
C ASP B 143 -4.43 -25.56 -20.72
N ARG B 144 -4.97 -24.41 -20.28
CA ARG B 144 -4.91 -24.08 -18.85
C ARG B 144 -5.89 -24.84 -17.98
N HIS B 145 -5.36 -25.38 -16.89
CA HIS B 145 -6.17 -26.10 -15.92
C HIS B 145 -7.20 -25.18 -15.25
N SER B 146 -8.41 -25.70 -15.01
CA SER B 146 -9.47 -24.87 -14.42
C SER B 146 -9.12 -24.29 -13.04
N SER B 147 -8.19 -24.94 -12.35
CA SER B 147 -7.77 -24.45 -11.01
C SER B 147 -7.09 -23.04 -11.03
N LEU B 148 -6.46 -22.72 -12.15
CA LEU B 148 -5.80 -21.40 -12.35
C LEU B 148 -6.78 -20.51 -13.12
N ALA B 149 -8.06 -20.61 -12.82
CA ALA B 149 -9.03 -19.86 -13.58
C ALA B 149 -9.63 -18.75 -12.74
N GLY B 150 -9.12 -17.58 -12.96
CA GLY B 150 -9.54 -16.47 -12.19
C GLY B 150 -8.34 -16.06 -11.37
N CYS B 151 -7.28 -16.85 -11.41
CA CYS B 151 -6.07 -16.50 -10.72
C CYS B 151 -5.43 -15.34 -11.45
N GLN B 152 -4.42 -14.71 -10.83
CA GLN B 152 -3.65 -13.61 -11.40
C GLN B 152 -2.37 -14.35 -11.77
N ILE B 153 -2.04 -14.42 -13.05
CA ILE B 153 -0.83 -15.16 -13.40
C ILE B 153 0.38 -14.35 -13.00
N ILE B 154 1.37 -15.03 -12.41
CA ILE B 154 2.55 -14.33 -11.92
C ILE B 154 3.84 -14.99 -12.30
N ASN B 155 3.79 -16.22 -12.78
CA ASN B 155 5.03 -16.84 -13.17
C ASN B 155 4.85 -18.00 -14.13
N TYR B 156 5.95 -18.35 -14.79
CA TYR B 156 5.98 -19.44 -15.76
C TYR B 156 7.40 -19.98 -15.88
N ARG B 157 7.66 -21.20 -15.40
CA ARG B 157 9.01 -21.74 -15.57
C ARG B 157 9.04 -23.12 -16.23
N THR B 158 10.24 -23.45 -16.68
CA THR B 158 10.56 -24.64 -17.43
C THR B 158 11.75 -25.38 -16.84
N ASP B 159 11.87 -26.68 -17.07
CA ASP B 159 13.04 -27.41 -16.60
C ASP B 159 14.07 -27.11 -17.71
N ALA B 160 15.28 -27.67 -17.62
CA ALA B 160 16.25 -27.39 -18.69
C ALA B 160 15.80 -27.85 -20.08
N LYS B 161 15.37 -29.11 -20.20
CA LYS B 161 14.95 -29.65 -21.48
C LYS B 161 13.57 -29.21 -21.93
N GLN B 162 12.97 -28.25 -21.24
CA GLN B 162 11.65 -27.75 -21.64
C GLN B 162 10.63 -28.87 -21.79
N LYS B 163 10.81 -29.89 -20.97
CA LYS B 163 9.94 -31.07 -20.95
C LYS B 163 8.89 -30.91 -19.86
N TRP B 164 9.21 -30.12 -18.83
CA TRP B 164 8.28 -29.87 -17.75
C TRP B 164 7.96 -28.39 -17.73
N LEU B 165 6.69 -28.05 -17.60
CA LEU B 165 6.28 -26.66 -17.60
C LEU B 165 5.47 -26.34 -16.35
N LEU B 166 5.75 -25.20 -15.72
CA LEU B 166 5.03 -24.78 -14.51
C LEU B 166 4.45 -23.37 -14.63
N LEU B 167 3.12 -23.28 -14.51
CA LEU B 167 2.40 -22.02 -14.58
C LEU B 167 1.82 -21.72 -13.21
N THR B 168 2.16 -20.56 -12.63
CA THR B 168 1.70 -20.20 -11.28
C THR B 168 0.76 -19.02 -11.21
N GLY B 169 -0.36 -19.24 -10.54
CA GLY B 169 -1.33 -18.18 -10.36
C GLY B 169 -1.53 -17.95 -8.86
N ILE B 170 -2.24 -16.91 -8.47
CA ILE B 170 -2.50 -16.66 -7.06
C ILE B 170 -3.79 -15.91 -6.95
N SER B 171 -4.44 -16.07 -5.80
CA SER B 171 -5.70 -15.38 -5.53
C SER B 171 -5.99 -15.32 -4.05
N ALA B 172 -6.99 -14.51 -3.74
CA ALA B 172 -7.43 -14.30 -2.38
C ALA B 172 -8.55 -15.28 -2.07
N GLN B 173 -8.36 -16.07 -1.03
CA GLN B 173 -9.36 -17.03 -0.63
C GLN B 173 -9.25 -17.17 0.85
N GLN B 174 -10.41 -17.08 1.49
CA GLN B 174 -10.48 -17.18 2.94
C GLN B 174 -9.44 -16.23 3.52
N ASN B 175 -9.45 -15.00 3.04
CA ASN B 175 -8.52 -14.01 3.56
C ASN B 175 -7.04 -14.38 3.54
N ARG B 176 -6.63 -15.18 2.57
CA ARG B 176 -5.23 -15.48 2.44
C ARG B 176 -4.87 -15.61 0.94
N VAL B 177 -3.58 -15.54 0.63
CA VAL B 177 -3.15 -15.64 -0.75
C VAL B 177 -2.88 -17.11 -1.04
N VAL B 178 -3.78 -17.69 -1.84
CA VAL B 178 -3.61 -19.10 -2.18
C VAL B 178 -2.89 -19.23 -3.53
N GLY B 179 -1.91 -20.13 -3.55
CA GLY B 179 -1.16 -20.33 -4.77
C GLY B 179 -1.53 -21.53 -5.65
N ALA B 180 -2.08 -21.22 -6.82
CA ALA B 180 -2.47 -22.25 -7.79
C ALA B 180 -1.47 -22.55 -8.92
N MET B 181 -0.77 -23.67 -8.79
CA MET B 181 0.17 -24.11 -9.83
C MET B 181 -0.39 -25.21 -10.77
N GLN B 182 0.15 -25.23 -11.99
CA GLN B 182 -0.19 -26.21 -13.03
C GLN B 182 1.12 -26.79 -13.56
N LEU B 183 1.38 -28.07 -13.26
CA LEU B 183 2.61 -28.75 -13.71
C LEU B 183 2.24 -29.62 -14.90
N TYR B 184 2.84 -29.33 -16.07
CA TYR B 184 2.56 -30.06 -17.31
C TYR B 184 3.74 -30.91 -17.71
N SER B 185 3.44 -32.12 -18.20
CA SER B 185 4.47 -33.02 -18.74
C SER B 185 4.33 -32.94 -20.26
N VAL B 186 5.42 -32.57 -20.92
CA VAL B 186 5.43 -32.42 -22.37
C VAL B 186 5.34 -33.81 -23.01
N ASP B 187 6.07 -34.74 -22.43
CA ASP B 187 6.06 -36.10 -22.90
C ASP B 187 4.71 -36.78 -22.68
N ARG B 188 4.30 -36.87 -21.42
CA ARG B 188 3.05 -37.54 -21.11
C ARG B 188 1.78 -36.77 -21.40
N LYS B 189 1.87 -35.58 -21.98
CA LYS B 189 0.70 -34.75 -22.27
C LYS B 189 -0.33 -34.66 -21.13
N VAL B 190 0.14 -34.69 -19.88
CA VAL B 190 -0.74 -34.63 -18.72
C VAL B 190 -0.42 -33.48 -17.71
N SER B 191 -1.45 -32.82 -17.19
CA SER B 191 -1.28 -31.70 -16.25
C SER B 191 -1.59 -32.07 -14.81
N GLN B 192 -0.83 -31.56 -13.85
CA GLN B 192 -1.15 -31.84 -12.46
C GLN B 192 -1.31 -30.58 -11.56
N PRO B 193 -2.48 -30.41 -10.94
CA PRO B 193 -2.73 -29.26 -10.06
C PRO B 193 -1.89 -29.40 -8.80
N ILE B 194 -1.30 -28.28 -8.37
CA ILE B 194 -0.46 -28.26 -7.16
C ILE B 194 -0.61 -26.94 -6.42
N GLU B 195 -0.91 -27.00 -5.12
CA GLU B 195 -1.03 -25.76 -4.34
C GLU B 195 0.40 -25.28 -4.13
N GLY B 196 0.71 -24.10 -4.64
CA GLY B 196 2.09 -23.57 -4.53
C GLY B 196 2.26 -22.09 -4.84
N HIS B 197 3.33 -21.52 -4.29
CA HIS B 197 3.54 -20.10 -4.47
C HIS B 197 4.73 -19.85 -5.36
N ALA B 198 5.85 -20.42 -4.99
CA ALA B 198 7.02 -20.21 -5.78
C ALA B 198 7.60 -21.58 -6.01
N ALA B 199 8.48 -21.67 -7.02
CA ALA B 199 9.13 -22.94 -7.35
C ALA B 199 10.13 -22.73 -8.47
N SER B 200 10.97 -23.73 -8.67
CA SER B 200 11.96 -23.69 -9.74
C SER B 200 12.41 -25.12 -10.02
N PHE B 201 12.93 -25.34 -11.21
CA PHE B 201 13.43 -26.67 -11.61
C PHE B 201 14.96 -26.69 -11.44
N ALA B 202 15.56 -27.87 -11.50
CA ALA B 202 17.01 -27.96 -11.37
C ALA B 202 17.58 -29.31 -11.80
N GLN B 203 18.79 -29.29 -12.35
CA GLN B 203 19.43 -30.52 -12.74
C GLN B 203 20.34 -30.94 -11.61
N PHE B 204 20.29 -32.22 -11.25
CA PHE B 204 21.09 -32.75 -10.15
C PHE B 204 21.55 -34.22 -10.38
N LYS B 205 22.86 -34.45 -10.40
CA LYS B 205 23.39 -35.80 -10.61
C LYS B 205 23.66 -36.50 -9.29
N MET B 206 22.72 -37.33 -8.86
CA MET B 206 22.85 -38.08 -7.61
C MET B 206 24.08 -38.98 -7.69
N GLU B 207 24.76 -39.18 -6.57
CA GLU B 207 25.94 -40.07 -6.59
C GLU B 207 25.45 -41.43 -7.04
N GLY B 208 26.28 -42.13 -7.83
CA GLY B 208 25.89 -43.45 -8.31
C GLY B 208 24.90 -43.45 -9.47
N ASN B 209 24.75 -42.30 -10.12
CA ASN B 209 23.86 -42.18 -11.27
C ASN B 209 24.70 -41.69 -12.44
N ALA B 210 24.48 -42.29 -13.61
CA ALA B 210 25.21 -41.86 -14.80
C ALA B 210 24.58 -40.55 -15.23
N GLU B 211 23.27 -40.53 -15.35
CA GLU B 211 22.61 -39.32 -15.78
C GLU B 211 22.09 -38.50 -14.60
N GLU B 212 21.56 -37.33 -14.90
CA GLU B 212 21.04 -36.42 -13.93
C GLU B 212 19.58 -36.57 -13.73
N SER B 213 19.15 -36.08 -12.58
CA SER B 213 17.75 -36.07 -12.19
C SER B 213 17.18 -34.70 -12.50
N THR B 214 15.92 -34.64 -12.86
CA THR B 214 15.35 -33.35 -13.10
C THR B 214 14.44 -33.07 -11.92
N LEU B 215 14.89 -32.13 -11.10
CA LEU B 215 14.19 -31.79 -9.90
C LEU B 215 13.20 -30.68 -10.06
N PHE B 216 12.16 -30.72 -9.25
CA PHE B 216 11.13 -29.70 -9.22
C PHE B 216 10.99 -29.34 -7.75
N CYS B 217 11.39 -28.12 -7.41
CA CYS B 217 11.32 -27.61 -6.05
C CYS B 217 10.26 -26.53 -6.04
N PHE B 218 9.41 -26.55 -5.02
CA PHE B 218 8.36 -25.54 -4.90
C PHE B 218 8.02 -25.34 -3.44
N ALA B 219 7.70 -24.08 -3.13
CA ALA B 219 7.39 -23.69 -1.77
C ALA B 219 5.96 -23.20 -1.72
N VAL B 220 5.31 -23.44 -0.59
CA VAL B 220 3.92 -23.04 -0.41
C VAL B 220 3.61 -22.71 1.06
N ARG B 221 2.62 -21.85 1.27
CA ARG B 221 2.13 -21.54 2.60
C ARG B 221 0.67 -21.93 2.46
N GLY B 222 0.39 -23.19 2.68
CA GLY B 222 -0.98 -23.67 2.56
C GLY B 222 -1.53 -23.71 3.94
N GLN B 223 -2.66 -24.39 4.12
CA GLN B 223 -3.23 -24.44 5.47
C GLN B 223 -2.25 -25.15 6.41
N ALA B 224 -1.45 -26.08 5.88
CA ALA B 224 -0.46 -26.78 6.71
C ALA B 224 0.62 -25.80 7.18
N GLY B 225 0.48 -24.53 6.84
CA GLY B 225 1.50 -23.57 7.18
C GLY B 225 2.47 -23.56 6.00
N GLY B 226 3.75 -23.34 6.21
CA GLY B 226 4.68 -23.31 5.10
C GLY B 226 5.57 -24.52 4.86
N LYS B 227 5.58 -25.03 3.63
CA LYS B 227 6.43 -26.18 3.33
C LYS B 227 7.14 -25.98 2.00
N LEU B 228 8.27 -26.67 1.86
CA LEU B 228 9.06 -26.65 0.64
C LEU B 228 9.40 -28.08 0.24
N HIS B 229 8.95 -28.46 -0.96
CA HIS B 229 9.20 -29.82 -1.46
C HIS B 229 10.24 -29.86 -2.56
N ILE B 230 10.98 -30.95 -2.60
CA ILE B 230 11.98 -31.18 -3.63
C ILE B 230 11.71 -32.62 -4.10
N ILE B 231 11.23 -32.76 -5.34
CA ILE B 231 10.93 -34.08 -5.88
C ILE B 231 11.50 -34.25 -7.27
N GLU B 232 11.75 -35.50 -7.66
CA GLU B 232 12.24 -35.74 -9.01
C GLU B 232 11.00 -35.72 -9.85
N VAL B 233 11.14 -35.14 -11.02
CA VAL B 233 10.01 -35.05 -11.93
C VAL B 233 10.29 -35.95 -13.13
N GLY B 234 9.26 -36.69 -13.53
CA GLY B 234 9.41 -37.61 -14.64
C GLY B 234 10.01 -38.93 -14.22
N THR B 235 10.40 -39.70 -15.21
CA THR B 235 10.95 -41.00 -14.98
C THR B 235 12.46 -40.94 -14.90
N PRO B 236 13.04 -41.50 -13.84
CA PRO B 236 14.50 -41.45 -13.73
C PRO B 236 15.10 -42.02 -15.02
N PRO B 237 16.21 -41.43 -15.49
CA PRO B 237 16.86 -41.93 -16.71
C PRO B 237 17.15 -43.41 -16.54
N THR B 238 16.92 -44.21 -17.58
CA THR B 238 17.17 -45.65 -17.45
C THR B 238 18.55 -45.81 -16.84
N GLY B 239 18.63 -46.51 -15.72
CA GLY B 239 19.91 -46.69 -15.07
C GLY B 239 20.05 -45.93 -13.76
N ASN B 240 19.49 -44.73 -13.68
CA ASN B 240 19.58 -43.90 -12.49
C ASN B 240 18.71 -44.41 -11.36
N GLN B 241 19.18 -44.20 -10.14
CA GLN B 241 18.35 -44.52 -8.98
C GLN B 241 17.42 -43.31 -8.92
N PRO B 242 16.26 -43.43 -8.29
CA PRO B 242 15.40 -42.23 -8.27
C PRO B 242 15.77 -41.27 -7.12
N PHE B 243 15.44 -39.99 -7.27
CA PHE B 243 15.75 -39.01 -6.23
C PHE B 243 14.64 -39.00 -5.18
N PRO B 244 15.00 -39.38 -3.94
CA PRO B 244 14.06 -39.45 -2.80
C PRO B 244 13.45 -38.09 -2.48
N LYS B 245 12.12 -38.01 -2.52
CA LYS B 245 11.45 -36.73 -2.27
C LYS B 245 11.72 -36.13 -0.92
N LYS B 246 11.97 -34.83 -0.94
CA LYS B 246 12.27 -34.08 0.26
C LYS B 246 11.14 -33.12 0.57
N ALA B 247 10.89 -32.91 1.89
CA ALA B 247 9.87 -32.01 2.42
C ALA B 247 10.21 -31.47 3.82
N VAL B 248 10.33 -30.14 3.86
CA VAL B 248 10.66 -29.40 5.05
C VAL B 248 9.61 -28.28 5.31
N ASP B 249 9.93 -27.57 6.40
CA ASP B 249 9.20 -26.46 6.89
C ASP B 249 9.96 -25.17 6.62
N VAL B 250 9.19 -24.24 6.04
CA VAL B 250 9.64 -22.88 5.81
C VAL B 250 8.91 -22.07 6.83
N PHE B 251 9.73 -21.40 7.59
CA PHE B 251 9.25 -20.64 8.67
C PHE B 251 8.68 -19.29 8.26
N PHE B 252 7.67 -18.88 8.99
CA PHE B 252 7.09 -17.61 8.83
C PHE B 252 7.02 -17.17 10.30
N PRO B 253 7.60 -16.00 10.63
CA PRO B 253 7.37 -15.48 11.99
C PRO B 253 5.93 -15.00 12.15
N PRO B 254 5.54 -14.67 13.40
CA PRO B 254 4.18 -14.18 13.72
C PRO B 254 3.90 -12.75 13.23
N GLU B 255 4.92 -12.01 12.82
CA GLU B 255 4.65 -10.65 12.32
C GLU B 255 4.18 -10.81 10.89
N ALA B 256 4.87 -11.69 10.14
CA ALA B 256 4.51 -11.99 8.75
C ALA B 256 3.32 -12.89 8.93
N GLN B 257 2.15 -12.37 8.67
CA GLN B 257 0.97 -13.15 8.87
C GLN B 257 0.39 -13.48 7.50
N ASN B 258 0.50 -12.55 6.56
CA ASN B 258 -0.02 -12.80 5.24
C ASN B 258 1.10 -12.92 4.24
N ASP B 259 2.32 -12.90 4.73
CA ASP B 259 3.51 -13.01 3.88
C ASP B 259 3.51 -14.43 3.30
N PHE B 260 3.97 -14.57 2.06
CA PHE B 260 4.06 -15.88 1.42
C PHE B 260 5.29 -15.89 0.52
N PRO B 261 5.59 -17.06 -0.10
CA PRO B 261 6.75 -17.23 -1.00
C PRO B 261 6.46 -16.51 -2.32
N VAL B 262 7.49 -15.90 -2.88
CA VAL B 262 7.30 -15.14 -4.11
C VAL B 262 8.35 -15.39 -5.21
N ALA B 263 9.46 -16.02 -4.86
CA ALA B 263 10.47 -16.28 -5.84
C ALA B 263 11.47 -17.34 -5.40
N MET B 264 11.94 -18.13 -6.37
CA MET B 264 12.89 -19.17 -6.08
C MET B 264 13.93 -19.25 -7.18
N GLN B 265 15.18 -19.43 -6.78
CA GLN B 265 16.24 -19.50 -7.75
C GLN B 265 17.13 -20.59 -7.18
N ILE B 266 17.61 -21.50 -8.03
CA ILE B 266 18.45 -22.57 -7.54
C ILE B 266 19.81 -22.44 -8.18
N SER B 267 20.88 -22.54 -7.39
CA SER B 267 22.23 -22.44 -7.91
C SER B 267 22.81 -23.85 -8.09
N GLU B 268 22.95 -24.28 -9.34
CA GLU B 268 23.51 -25.60 -9.61
C GLU B 268 24.96 -25.64 -9.13
N LYS B 269 25.51 -24.45 -8.90
CA LYS B 269 26.89 -24.21 -8.47
C LYS B 269 27.20 -24.70 -7.06
N HIS B 270 26.27 -24.44 -6.15
CA HIS B 270 26.43 -24.84 -4.75
C HIS B 270 25.30 -25.79 -4.39
N ASP B 271 24.36 -25.96 -5.33
CA ASP B 271 23.20 -26.80 -5.15
C ASP B 271 22.50 -26.32 -3.89
N VAL B 272 21.96 -25.12 -4.01
CA VAL B 272 21.27 -24.45 -2.94
C VAL B 272 20.07 -23.74 -3.49
N VAL B 273 18.99 -23.70 -2.70
CA VAL B 273 17.79 -23.02 -3.12
C VAL B 273 17.68 -21.70 -2.36
N PHE B 274 17.44 -20.61 -3.11
CA PHE B 274 17.26 -19.27 -2.57
C PHE B 274 15.78 -19.04 -2.72
N LEU B 275 15.09 -18.84 -1.60
CA LEU B 275 13.64 -18.59 -1.59
C LEU B 275 13.43 -17.18 -0.94
N ILE B 276 12.53 -16.38 -1.52
CA ILE B 276 12.27 -15.03 -1.01
C ILE B 276 10.77 -14.78 -0.88
N THR B 277 10.38 -14.30 0.30
CA THR B 277 8.95 -14.08 0.51
C THR B 277 8.47 -12.76 -0.04
N LYS B 278 7.16 -12.62 -0.15
CA LYS B 278 6.57 -11.39 -0.67
C LYS B 278 7.18 -10.19 0.05
N TYR B 279 7.17 -10.23 1.38
CA TYR B 279 7.69 -9.15 2.18
C TYR B 279 9.16 -9.25 2.60
N GLY B 280 10.02 -9.60 1.65
CA GLY B 280 11.44 -9.61 1.92
C GLY B 280 12.23 -10.63 2.71
N TYR B 281 11.70 -11.80 3.00
CA TYR B 281 12.54 -12.75 3.74
C TYR B 281 13.35 -13.58 2.75
N ILE B 282 14.41 -14.19 3.24
CA ILE B 282 15.28 -14.95 2.40
C ILE B 282 15.60 -16.25 3.12
N HIS B 283 15.42 -17.38 2.43
CA HIS B 283 15.76 -18.69 3.02
C HIS B 283 16.75 -19.41 2.16
N LEU B 284 17.63 -20.16 2.80
CA LEU B 284 18.65 -20.91 2.06
C LEU B 284 18.52 -22.38 2.42
N TYR B 285 18.07 -23.20 1.47
CA TYR B 285 17.96 -24.64 1.74
C TYR B 285 18.95 -25.38 0.85
N ASP B 286 19.40 -26.54 1.32
CA ASP B 286 20.29 -27.44 0.57
C ASP B 286 19.38 -28.14 -0.42
N LEU B 287 19.73 -28.08 -1.70
CA LEU B 287 18.88 -28.70 -2.73
C LEU B 287 18.76 -30.20 -2.50
N GLU B 288 19.89 -30.80 -2.16
CA GLU B 288 19.95 -32.24 -1.96
C GLU B 288 19.10 -32.80 -0.82
N THR B 289 19.31 -32.25 0.36
CA THR B 289 18.60 -32.72 1.54
C THR B 289 17.42 -31.86 1.89
N GLY B 290 17.44 -30.60 1.46
CA GLY B 290 16.36 -29.70 1.78
C GLY B 290 16.56 -29.16 3.18
N THR B 291 17.77 -29.33 3.69
CA THR B 291 18.17 -28.82 5.00
C THR B 291 18.21 -27.30 4.92
N CYS B 292 17.43 -26.61 5.76
CA CYS B 292 17.45 -25.14 5.77
C CYS B 292 18.82 -24.72 6.31
N ILE B 293 19.63 -24.02 5.52
CA ILE B 293 20.94 -23.62 6.01
C ILE B 293 20.97 -22.21 6.57
N TYR B 294 19.98 -21.18 6.21
CA TYR B 294 19.92 -19.70 6.72
C TYR B 294 18.61 -18.85 6.42
N MET B 295 18.21 -17.93 7.32
CA MET B 295 16.98 -17.13 7.11
C MET B 295 17.05 -15.78 7.76
N ASN B 296 16.59 -14.81 7.05
CA ASN B 296 16.64 -13.51 7.61
C ASN B 296 15.94 -12.47 6.76
N ARG B 297 15.65 -11.35 7.42
CA ARG B 297 15.10 -10.22 6.69
C ARG B 297 16.27 -9.65 5.81
N ILE B 298 15.97 -9.29 4.50
CA ILE B 298 16.91 -8.66 3.45
C ILE B 298 16.29 -7.44 2.71
N SER B 299 15.00 -7.30 2.91
CA SER B 299 14.30 -6.20 2.32
C SER B 299 13.11 -5.88 3.21
N GLY B 300 12.90 -4.58 3.48
CA GLY B 300 11.81 -4.17 4.33
C GLY B 300 10.67 -3.78 3.47
N GLU B 301 10.98 -3.57 2.18
CA GLU B 301 9.96 -3.19 1.20
C GLU B 301 9.78 -4.47 0.37
N THR B 302 8.52 -4.78 0.02
CA THR B 302 8.20 -6.00 -0.74
C THR B 302 8.90 -6.19 -2.07
N ILE B 303 9.19 -7.45 -2.38
CA ILE B 303 9.84 -7.80 -3.63
C ILE B 303 8.80 -8.34 -4.60
N PHE B 304 8.92 -7.93 -5.87
CA PHE B 304 7.96 -8.32 -6.90
C PHE B 304 8.56 -8.90 -8.18
N VAL B 305 9.86 -9.14 -8.18
CA VAL B 305 10.51 -9.68 -9.34
C VAL B 305 11.96 -10.01 -9.06
N THR B 306 12.38 -11.18 -9.51
CA THR B 306 13.77 -11.55 -9.36
C THR B 306 14.24 -12.23 -10.63
N ALA B 307 15.50 -12.67 -10.63
CA ALA B 307 16.07 -13.30 -11.80
C ALA B 307 17.33 -13.95 -11.34
N PRO B 308 17.79 -14.98 -12.04
CA PRO B 308 19.02 -15.51 -11.49
C PRO B 308 20.10 -14.46 -11.68
N HIS B 309 20.96 -14.37 -10.69
CA HIS B 309 22.06 -13.44 -10.75
C HIS B 309 23.30 -14.27 -11.17
N GLU B 310 23.53 -14.28 -12.47
CA GLU B 310 24.60 -15.01 -13.12
C GLU B 310 26.00 -14.94 -12.49
N ALA B 311 26.63 -13.76 -12.56
CA ALA B 311 27.98 -13.56 -12.03
C ALA B 311 28.33 -14.35 -10.77
N THR B 312 27.36 -14.45 -9.85
CA THR B 312 27.56 -15.15 -8.57
C THR B 312 26.78 -16.45 -8.43
N ALA B 313 25.70 -16.60 -9.18
CA ALA B 313 24.86 -17.79 -9.09
C ALA B 313 23.89 -17.64 -7.94
N GLY B 314 23.61 -16.40 -7.55
CA GLY B 314 22.68 -16.15 -6.47
C GLY B 314 21.41 -15.66 -7.09
N ILE B 315 20.60 -14.90 -6.36
CA ILE B 315 19.37 -14.37 -6.91
C ILE B 315 19.39 -12.81 -6.81
N ILE B 316 18.83 -12.14 -7.82
CA ILE B 316 18.82 -10.69 -7.86
C ILE B 316 17.39 -10.17 -8.05
N GLY B 317 17.01 -9.16 -7.26
CA GLY B 317 15.65 -8.67 -7.38
C GLY B 317 15.50 -7.19 -7.14
N VAL B 318 14.26 -6.74 -7.23
CA VAL B 318 13.90 -5.35 -7.09
C VAL B 318 12.70 -5.25 -6.11
N ASN B 319 12.71 -4.26 -5.21
CA ASN B 319 11.57 -4.11 -4.28
C ASN B 319 10.81 -2.89 -4.71
N ARG B 320 9.62 -2.67 -4.15
CA ARG B 320 8.75 -1.53 -4.50
C ARG B 320 9.43 -0.19 -4.29
N LYS B 321 10.58 -0.21 -3.61
CA LYS B 321 11.34 1.02 -3.36
C LYS B 321 12.21 1.35 -4.54
N GLY B 322 12.66 0.37 -5.25
CA GLY B 322 13.51 0.64 -6.39
C GLY B 322 14.87 0.03 -6.08
N GLN B 323 15.05 -0.46 -4.86
CA GLN B 323 16.41 -0.98 -4.61
C GLN B 323 16.63 -2.30 -5.33
N VAL B 324 17.76 -2.43 -5.95
CA VAL B 324 18.03 -3.65 -6.66
C VAL B 324 19.02 -4.49 -5.83
N LEU B 325 18.58 -5.49 -5.03
CA LEU B 325 19.48 -6.31 -4.16
C LEU B 325 19.79 -7.64 -4.77
N SER B 326 20.78 -8.29 -4.19
CA SER B 326 21.14 -9.59 -4.68
C SER B 326 21.81 -10.34 -3.54
N VAL B 327 21.42 -11.59 -3.35
CA VAL B 327 22.00 -12.46 -2.33
C VAL B 327 22.66 -13.64 -3.04
N CYS B 328 23.80 -14.09 -2.54
CA CYS B 328 24.48 -15.22 -3.13
C CYS B 328 25.21 -16.01 -2.06
N VAL B 329 25.74 -17.17 -2.41
CA VAL B 329 26.44 -17.95 -1.41
C VAL B 329 27.77 -17.25 -1.13
N GLU B 330 28.11 -17.12 0.15
CA GLU B 330 29.38 -16.51 0.52
C GLU B 330 30.36 -17.67 0.53
N GLU B 331 30.88 -17.97 -0.66
CA GLU B 331 31.81 -19.08 -0.83
C GLU B 331 32.85 -19.19 0.25
N GLU B 332 33.29 -18.06 0.79
CA GLU B 332 34.30 -18.03 1.85
C GLU B 332 33.91 -18.66 3.20
N ASN B 333 32.63 -18.62 3.57
CA ASN B 333 32.26 -19.21 4.83
C ASN B 333 30.97 -20.01 4.97
N ILE B 334 30.41 -20.43 3.84
CA ILE B 334 29.20 -21.23 3.84
C ILE B 334 29.57 -22.53 4.55
N ILE B 335 30.81 -22.96 4.43
CA ILE B 335 31.15 -24.23 5.09
C ILE B 335 31.29 -24.07 6.58
N PRO B 336 32.15 -23.14 7.03
CA PRO B 336 32.40 -22.85 8.45
C PRO B 336 31.07 -22.56 9.14
N TYR B 337 30.22 -21.79 8.46
CA TYR B 337 28.93 -21.45 9.02
C TYR B 337 28.17 -22.70 9.37
N ILE B 338 27.93 -23.53 8.35
CA ILE B 338 27.21 -24.76 8.55
C ILE B 338 27.86 -25.54 9.71
N THR B 339 29.16 -25.81 9.57
CA THR B 339 29.88 -26.55 10.60
C THR B 339 29.74 -26.04 12.03
N ASN B 340 30.10 -24.78 12.25
CA ASN B 340 30.04 -24.21 13.59
C ASN B 340 28.72 -23.57 14.04
N VAL B 341 28.20 -22.63 13.25
CA VAL B 341 26.95 -21.98 13.65
C VAL B 341 25.77 -22.96 13.64
N LEU B 342 25.67 -23.80 12.60
CA LEU B 342 24.55 -24.76 12.51
C LEU B 342 24.92 -26.06 13.21
N GLN B 343 26.22 -26.23 13.46
CA GLN B 343 26.68 -27.47 14.06
C GLN B 343 26.15 -28.66 13.27
N ASN B 344 26.34 -28.61 11.96
CA ASN B 344 25.89 -29.66 11.07
C ASN B 344 27.11 -30.08 10.26
N PRO B 345 28.01 -30.82 10.94
CA PRO B 345 29.24 -31.33 10.35
C PRO B 345 28.99 -32.13 9.08
N ASP B 346 27.92 -32.92 9.08
CA ASP B 346 27.57 -33.76 7.96
C ASP B 346 27.22 -32.92 6.77
N LEU B 347 26.17 -32.10 6.86
CA LEU B 347 25.83 -31.24 5.72
C LEU B 347 27.07 -30.45 5.25
N ALA B 348 27.86 -29.99 6.21
CA ALA B 348 29.05 -29.21 5.97
C ALA B 348 30.10 -29.93 5.13
N LEU B 349 30.47 -31.14 5.57
CA LEU B 349 31.49 -31.97 4.91
C LEU B 349 31.01 -32.37 3.53
N ARG B 350 29.70 -32.51 3.42
CA ARG B 350 29.07 -32.89 2.16
C ARG B 350 29.18 -31.75 1.15
N MET B 351 28.64 -30.57 1.51
CA MET B 351 28.65 -29.41 0.63
C MET B 351 30.06 -29.06 0.15
N ALA B 352 31.05 -29.25 1.01
CA ALA B 352 32.40 -28.92 0.61
C ALA B 352 32.76 -29.90 -0.49
N VAL B 353 32.80 -31.18 -0.17
CA VAL B 353 33.16 -32.21 -1.16
C VAL B 353 32.26 -32.24 -2.40
N ARG B 354 30.96 -32.10 -2.19
CA ARG B 354 30.01 -32.08 -3.30
C ARG B 354 30.32 -31.02 -4.36
N ASN B 355 30.24 -29.74 -3.97
CA ASN B 355 30.45 -28.67 -4.92
C ASN B 355 31.90 -28.16 -5.02
N ASN B 356 32.88 -29.03 -4.69
CA ASN B 356 34.32 -28.68 -4.67
C ASN B 356 34.64 -27.27 -4.06
N LEU B 357 34.26 -27.12 -2.75
CA LEU B 357 34.48 -25.89 -1.96
C LEU B 357 35.35 -26.15 -0.76
N ALA B 358 35.10 -25.27 0.25
CA ALA B 358 35.78 -25.25 1.55
C ALA B 358 35.03 -24.35 2.53
N ALA C 1 -20.79 31.78 38.63
CA ALA C 1 -21.07 33.22 38.43
C ALA C 1 -22.39 33.36 37.64
N VAL C 2 -22.31 33.52 36.31
CA VAL C 2 -23.50 33.43 35.45
C VAL C 2 -23.25 32.17 34.62
N SER C 3 -24.28 31.44 34.19
CA SER C 3 -24.01 30.27 33.37
C SER C 3 -24.17 30.60 31.90
N LEU C 4 -23.34 29.96 31.06
CA LEU C 4 -23.40 30.19 29.61
C LEU C 4 -24.58 29.44 29.00
N LEU C 5 -25.13 28.55 29.83
CA LEU C 5 -26.24 27.66 29.44
C LEU C 5 -27.33 27.71 30.52
N ASP C 6 -28.56 27.79 30.04
CA ASP C 6 -29.69 27.77 30.92
C ASP C 6 -30.49 26.49 30.70
N LEU C 7 -30.52 25.55 31.68
CA LEU C 7 -31.30 24.31 31.58
C LEU C 7 -32.45 24.33 32.66
N ASP C 8 -33.50 25.10 32.51
CA ASP C 8 -34.52 25.36 33.54
C ASP C 8 -33.89 25.61 34.90
N ALA C 9 -33.42 26.80 35.05
CA ALA C 9 -32.91 27.14 36.40
C ALA C 9 -31.56 27.82 36.44
N VAL D 2 1.91 0.28 -37.87
CA VAL D 2 1.96 -0.30 -36.51
C VAL D 2 3.32 -0.39 -35.99
N SER D 3 3.96 0.64 -35.55
CA SER D 3 5.17 0.28 -34.92
C SER D 3 4.86 0.53 -33.45
N LEU D 4 5.08 -0.47 -32.65
CA LEU D 4 4.82 -0.37 -31.24
C LEU D 4 5.99 0.30 -30.53
N LEU D 5 7.09 0.53 -31.27
CA LEU D 5 8.31 1.14 -30.78
C LEU D 5 8.92 2.17 -31.75
N ASP D 6 8.89 3.41 -31.29
CA ASP D 6 9.50 4.57 -31.93
C ASP D 6 10.95 4.36 -31.61
N LEU D 7 11.83 4.27 -32.53
CA LEU D 7 13.16 4.08 -32.05
C LEU D 7 14.13 5.07 -32.73
N ASP D 8 13.52 5.87 -33.54
CA ASP D 8 14.14 6.84 -34.38
C ASP D 8 13.12 7.41 -35.33
#